data_6WTD
#
_entry.id   6WTD
#
_cell.length_a   1.00
_cell.length_b   1.00
_cell.length_c   1.00
_cell.angle_alpha   90.00
_cell.angle_beta   90.00
_cell.angle_gamma   90.00
#
_symmetry.space_group_name_H-M   'P 1'
#
loop_
_entity.id
_entity.type
_entity.pdbx_description
1 polymer 'ATP synthase subunit 9, mitochondrial'
2 polymer 'ATP synthase protein 8'
3 polymer 'ATP synthase subunit a'
4 polymer 'ATP synthase subunit 4, mitochondrial'
5 polymer 'ATP synthase subunit d, mitochondrial'
6 polymer 'ATP synthase subunit f, mitochondrial'
7 polymer 'ATP synthase subunit J, mitochondrial'
#
loop_
_entity_poly.entity_id
_entity_poly.type
_entity_poly.pdbx_seq_one_letter_code
_entity_poly.pdbx_strand_id
1 'polypeptide(L)' (FME)QLVLAAKYIGAGISTIGLLGAGIGIAIVFAALINGVSRNPSIKDTVFPMAILGFALSEATGLFCLMVSFLLLFGV K,L,M,N,O,P,Q,R,S,T
2 'polypeptide(L)' MPQLVPFYFMNQLTYGFLLMITLLILFSQFFLPMILRLYVSRLFISKL 8
3 'polypeptide(L)'
;SPLDQFEIRTLFGLQSSFIDLSCLNLTTFSLYTIIVLLVITSLYTLTNNNNKIIGSRWLISQEAIYDTIMNMTKGQIGGK
NWGLYFPMIFTLFMFIFIANLISMIPYSFALSAHLVFIISLSIVIWLGNTILGLYKHGWVFFSLFVPAGTPLPLVPLLVI
IETLSYFARAISLGLRLGSNILAGHLLMVILAGLTFNFMLINLFTLVFGFVPLAMILAIMMLEFAIGIIQGYVWAILTAS
YLKDAVYLH
;
X
4 'polypeptide(L)'
;MSSTPEKQTDPKAKANSIINAIPGNNILTKTGVLGTSAAAVIYAISNELYVINDESILLLTFLGFTGLVAKYLAPAYKDF
ADARMKKVSDVLNASRNKHVEAVKDRIDSVSQLQNVAETTKVLFDVSKETVELESEAFELKQKVELAHEAKAVLDSWVRY
EASLRQLEQRQLAKSVISRVQSELGNPKFQEKVLQQSISEIEQLLSKLK
;
Z
5 'polypeptide(L)'
;SLAKSAANKLDWAKVISSLRITGSTATQLSSFKKRNDEARRQLLELQSQPTEVDFSHYRSVLKNTSVIDKIESYVKQYKP
VKIDASKQLQVIESFEKHAMTNAKETESLVSKELKDLQSTLDNIQSARPFDELTVDDLTKIKPEIDAKVEEMVKKGKWDV
PGYKDRFGNLNVM
;
7
6 'polypeptide(L)'
;VSTLIPPKVVSSKNIGSAPNAKRIANVVHFYKSLPQGPAPAIKANTRLARYKAKYFDGDNASGKPLWHFALGIIAFGYSM
EYYFHLRHHKGAEEH
;
U
7 'polypeptide(L)' MLKRFPTPILKVYWPFFVAGAAVYYGMSKAADLSSNT J
#
# COMPACT_ATOMS: atom_id res chain seq x y z
N FME A 1 -23.41 -5.82 36.18
CN FME A 1 -22.24 -6.09 36.86
O1 FME A 1 -21.82 -7.24 37.04
CA FME A 1 -24.24 -6.84 35.62
CB FME A 1 -25.75 -6.46 35.64
CG FME A 1 -25.99 -4.99 35.89
SD FME A 1 -25.60 -4.11 34.40
CE FME A 1 -26.85 -2.89 34.27
C FME A 1 -23.90 -7.19 34.16
O FME A 1 -23.26 -8.19 33.82
N GLN A 2 -24.36 -6.31 33.30
CA GLN A 2 -24.24 -6.45 31.86
C GLN A 2 -23.04 -5.66 31.40
N LEU A 3 -22.67 -4.64 32.19
CA LEU A 3 -21.65 -3.68 31.81
C LEU A 3 -20.23 -4.18 32.01
N VAL A 4 -20.05 -5.42 32.48
CA VAL A 4 -18.71 -5.97 32.63
C VAL A 4 -18.09 -6.24 31.27
N LEU A 5 -18.72 -7.10 30.48
CA LEU A 5 -18.21 -7.48 29.16
C LEU A 5 -18.27 -6.36 28.15
N ALA A 6 -19.09 -5.34 28.40
CA ALA A 6 -18.99 -4.13 27.60
C ALA A 6 -17.67 -3.43 27.83
N ALA A 7 -17.22 -3.38 29.08
CA ALA A 7 -15.94 -2.76 29.41
C ALA A 7 -14.76 -3.59 28.95
N LYS A 8 -14.96 -4.87 28.64
CA LYS A 8 -13.88 -5.67 28.09
C LYS A 8 -13.78 -5.51 26.58
N TYR A 9 -14.87 -5.11 25.92
CA TYR A 9 -14.85 -5.16 24.47
C TYR A 9 -14.20 -3.94 23.85
N ILE A 10 -14.18 -2.82 24.58
CA ILE A 10 -13.46 -1.65 24.08
C ILE A 10 -12.06 -1.55 24.65
N GLY A 11 -11.63 -2.52 25.45
CA GLY A 11 -10.27 -2.55 25.92
C GLY A 11 -9.49 -3.58 25.13
N ALA A 12 -10.15 -4.68 24.78
CA ALA A 12 -9.50 -5.71 23.98
C ALA A 12 -9.40 -5.30 22.53
N GLY A 13 -10.41 -4.58 22.03
CA GLY A 13 -10.31 -4.07 20.67
C GLY A 13 -9.38 -2.89 20.52
N ILE A 14 -9.07 -2.19 21.62
CA ILE A 14 -8.15 -1.07 21.58
C ILE A 14 -6.73 -1.51 21.84
N SER A 15 -6.51 -2.77 22.17
CA SER A 15 -5.16 -3.29 22.25
C SER A 15 -4.54 -3.47 20.87
N THR A 16 -5.34 -3.52 19.81
CA THR A 16 -4.84 -3.74 18.47
C THR A 16 -4.44 -2.45 17.75
N ILE A 17 -4.41 -1.32 18.46
CA ILE A 17 -3.58 -0.23 17.99
C ILE A 17 -2.15 -0.47 18.47
N GLY A 18 -1.97 -1.36 19.45
CA GLY A 18 -0.66 -1.62 20.01
C GLY A 18 0.30 -2.32 19.08
N LEU A 19 -0.22 -3.08 18.12
CA LEU A 19 0.64 -3.82 17.19
C LEU A 19 1.06 -2.97 15.99
N LEU A 20 0.74 -1.67 16.02
CA LEU A 20 0.98 -0.80 14.88
C LEU A 20 2.46 -0.67 14.57
N GLY A 21 3.27 -0.43 15.59
CA GLY A 21 4.70 -0.41 15.41
C GLY A 21 5.26 -1.79 15.13
N ALA A 22 4.58 -2.82 15.61
CA ALA A 22 5.01 -4.18 15.35
C ALA A 22 4.84 -4.56 13.89
N GLY A 23 3.94 -3.90 13.17
CA GLY A 23 3.85 -4.13 11.75
C GLY A 23 5.00 -3.45 11.06
N ILE A 24 5.17 -2.15 11.28
CA ILE A 24 6.22 -1.41 10.61
C ILE A 24 7.57 -1.57 11.29
N GLY A 25 7.66 -2.41 12.31
CA GLY A 25 8.96 -2.90 12.70
C GLY A 25 9.51 -3.91 11.74
N ILE A 26 8.64 -4.73 11.15
CA ILE A 26 9.07 -5.72 10.17
C ILE A 26 9.52 -5.04 8.88
N ALA A 27 9.00 -3.83 8.61
CA ALA A 27 9.31 -3.14 7.38
C ALA A 27 10.75 -2.69 7.33
N ILE A 28 11.21 -1.96 8.36
CA ILE A 28 12.54 -1.37 8.33
C ILE A 28 13.64 -2.42 8.43
N VAL A 29 13.42 -3.55 9.10
CA VAL A 29 14.43 -4.58 9.10
C VAL A 29 14.51 -5.27 7.74
N PHE A 30 13.38 -5.49 7.07
CA PHE A 30 13.46 -5.98 5.71
C PHE A 30 13.78 -4.90 4.70
N ALA A 31 13.68 -3.63 5.10
CA ALA A 31 14.07 -2.56 4.20
C ALA A 31 15.57 -2.54 4.01
N ALA A 32 16.31 -2.44 5.11
CA ALA A 32 17.75 -2.33 4.95
C ALA A 32 18.43 -3.66 4.70
N LEU A 33 17.70 -4.78 4.68
CA LEU A 33 18.31 -6.00 4.17
C LEU A 33 18.40 -5.96 2.65
N ILE A 34 17.29 -5.62 1.98
CA ILE A 34 17.32 -5.53 0.52
C ILE A 34 17.89 -4.22 0.05
N ASN A 35 18.23 -3.31 0.96
CA ASN A 35 19.11 -2.21 0.63
C ASN A 35 20.55 -2.50 1.06
N GLY A 36 20.75 -3.45 1.96
CA GLY A 36 22.09 -3.80 2.37
C GLY A 36 22.70 -4.87 1.50
N VAL A 37 21.87 -5.78 1.00
CA VAL A 37 22.39 -6.79 0.09
C VAL A 37 22.41 -6.26 -1.34
N SER A 38 21.82 -5.09 -1.58
CA SER A 38 21.70 -4.57 -2.93
C SER A 38 23.04 -4.18 -3.53
N ARG A 39 23.94 -3.56 -2.76
CA ARG A 39 25.24 -3.25 -3.32
C ARG A 39 26.24 -4.37 -3.07
N ASN A 40 26.05 -5.16 -2.01
CA ASN A 40 26.87 -6.36 -1.82
C ASN A 40 25.99 -7.59 -1.96
N PRO A 41 25.88 -8.20 -3.14
CA PRO A 41 25.15 -9.46 -3.28
C PRO A 41 25.84 -10.64 -2.63
N SER A 42 27.12 -10.52 -2.31
CA SER A 42 27.87 -11.60 -1.70
C SER A 42 27.77 -11.59 -0.19
N ILE A 43 26.70 -11.05 0.37
CA ILE A 43 26.54 -10.97 1.81
C ILE A 43 25.26 -11.63 2.31
N LYS A 44 24.37 -12.03 1.40
CA LYS A 44 23.15 -12.74 1.78
C LYS A 44 23.42 -14.06 2.45
N ASP A 45 24.58 -14.68 2.20
CA ASP A 45 24.93 -15.89 2.91
C ASP A 45 25.21 -15.66 4.38
N THR A 46 25.57 -14.43 4.77
CA THR A 46 26.02 -14.17 6.13
C THR A 46 25.09 -13.31 6.96
N VAL A 47 24.45 -12.31 6.38
CA VAL A 47 23.70 -11.34 7.16
C VAL A 47 22.19 -11.59 7.11
N PHE A 48 21.73 -12.41 6.19
CA PHE A 48 20.33 -12.80 6.18
C PHE A 48 19.92 -13.63 7.41
N PRO A 49 20.80 -14.44 8.03
CA PRO A 49 20.48 -14.88 9.40
C PRO A 49 20.46 -13.76 10.43
N MET A 50 21.22 -12.68 10.22
CA MET A 50 21.16 -11.58 11.16
C MET A 50 19.87 -10.79 11.01
N ALA A 51 19.28 -10.79 9.82
CA ALA A 51 18.02 -10.08 9.60
C ALA A 51 16.85 -10.78 10.26
N ILE A 52 16.81 -12.11 10.16
CA ILE A 52 15.71 -12.86 10.76
C ILE A 52 15.96 -13.04 12.25
N LEU A 53 17.19 -12.78 12.72
CA LEU A 53 17.43 -12.67 14.15
C LEU A 53 16.65 -11.52 14.78
N GLY A 54 16.35 -10.49 13.99
CA GLY A 54 15.53 -9.38 14.46
C GLY A 54 14.05 -9.64 14.59
N PHE A 55 13.62 -10.90 14.72
CA PHE A 55 12.26 -11.25 15.07
C PHE A 55 12.18 -12.01 16.38
N ALA A 56 12.99 -13.07 16.53
CA ALA A 56 12.88 -14.00 17.66
C ALA A 56 13.31 -13.36 18.99
N LEU A 57 14.17 -12.36 18.95
CA LEU A 57 14.39 -11.51 20.10
C LEU A 57 13.44 -10.32 20.13
N SER A 58 12.81 -10.00 18.99
CA SER A 58 12.05 -8.75 18.89
C SER A 58 10.54 -8.96 18.89
N GLU A 59 9.99 -9.77 18.01
CA GLU A 59 8.55 -9.96 17.97
C GLU A 59 8.08 -11.03 18.95
N ALA A 60 8.99 -11.62 19.74
CA ALA A 60 8.61 -12.58 20.78
C ALA A 60 7.80 -11.90 21.88
N THR A 61 8.02 -10.60 22.07
CA THR A 61 7.17 -9.77 22.91
C THR A 61 6.31 -8.82 22.08
N GLY A 62 6.84 -8.31 20.94
CA GLY A 62 6.17 -7.32 20.10
C GLY A 62 4.85 -7.72 19.52
N LEU A 63 4.53 -9.02 19.51
CA LEU A 63 3.27 -9.54 19.00
C LEU A 63 2.41 -10.11 20.11
N PHE A 64 2.22 -9.34 21.17
CA PHE A 64 1.33 -9.71 22.27
C PHE A 64 -0.07 -9.15 22.10
N CYS A 65 -0.55 -9.12 20.85
CA CYS A 65 -1.85 -8.54 20.50
C CYS A 65 -3.02 -9.24 21.17
N LEU A 66 -3.32 -10.48 20.80
CA LEU A 66 -4.44 -11.16 21.42
C LEU A 66 -4.05 -11.71 22.79
N MET A 67 -2.75 -11.75 23.08
CA MET A 67 -2.29 -12.19 24.41
C MET A 67 -2.65 -11.19 25.49
N VAL A 68 -2.90 -9.94 25.12
CA VAL A 68 -3.42 -8.99 26.09
C VAL A 68 -4.91 -8.74 25.85
N SER A 69 -5.43 -9.13 24.70
CA SER A 69 -6.80 -8.81 24.34
C SER A 69 -7.81 -9.82 24.86
N PHE A 70 -7.74 -11.07 24.40
CA PHE A 70 -8.73 -12.08 24.75
C PHE A 70 -8.38 -12.83 26.03
N LEU A 71 -7.29 -12.45 26.72
CA LEU A 71 -6.70 -13.32 27.73
C LEU A 71 -7.62 -13.50 28.95
N LEU A 72 -8.21 -12.42 29.45
CA LEU A 72 -9.11 -12.60 30.57
C LEU A 72 -10.56 -12.79 30.11
N LEU A 73 -10.76 -13.07 28.82
CA LEU A 73 -12.10 -13.45 28.36
C LEU A 73 -12.35 -14.95 28.46
N PHE A 74 -11.53 -15.67 29.22
CA PHE A 74 -11.85 -17.05 29.55
C PHE A 74 -12.81 -17.10 30.73
N FME B 1 -23.84 -2.59 42.24
CN FME B 1 -24.55 -2.02 43.26
O1 FME B 1 -24.25 -2.11 44.46
CA FME B 1 -22.66 -3.39 42.41
CB FME B 1 -22.95 -4.80 42.95
C FME B 1 -21.88 -3.57 41.10
O FME B 1 -20.91 -4.31 40.98
N GLN B 2 -22.34 -2.82 40.10
CA GLN B 2 -21.85 -2.96 38.72
C GLN B 2 -20.55 -2.20 38.45
N LEU B 3 -19.90 -1.72 39.50
CA LEU B 3 -18.61 -1.07 39.39
C LEU B 3 -17.59 -1.75 40.29
N VAL B 4 -17.58 -3.09 40.25
CA VAL B 4 -16.54 -3.84 40.96
C VAL B 4 -15.19 -3.67 40.28
N LEU B 5 -15.12 -3.90 38.97
CA LEU B 5 -13.91 -3.74 38.17
C LEU B 5 -14.27 -3.02 36.88
N ALA B 6 -14.96 -1.89 37.03
CA ALA B 6 -15.66 -1.23 35.93
C ALA B 6 -14.69 -0.70 34.88
N ALA B 7 -13.76 0.16 35.29
CA ALA B 7 -12.86 0.81 34.35
C ALA B 7 -11.50 0.13 34.29
N LYS B 8 -11.42 -1.14 34.68
CA LYS B 8 -10.15 -1.84 34.65
C LYS B 8 -9.87 -2.52 33.32
N TYR B 9 -10.90 -3.09 32.70
CA TYR B 9 -10.70 -3.79 31.44
C TYR B 9 -10.44 -2.84 30.29
N ILE B 10 -10.95 -1.61 30.34
CA ILE B 10 -10.71 -0.68 29.26
C ILE B 10 -9.28 -0.14 29.25
N GLY B 11 -8.74 0.23 30.40
CA GLY B 11 -7.46 0.88 30.47
C GLY B 11 -6.27 0.03 30.13
N ALA B 12 -6.41 -1.30 30.22
CA ALA B 12 -5.28 -2.18 30.01
C ALA B 12 -4.92 -2.33 28.54
N GLY B 13 -5.80 -1.90 27.64
CA GLY B 13 -5.49 -1.93 26.23
C GLY B 13 -4.95 -0.61 25.74
N ILE B 14 -5.57 0.48 26.21
CA ILE B 14 -5.12 1.82 25.84
C ILE B 14 -3.77 2.14 26.45
N SER B 15 -3.36 1.43 27.50
CA SER B 15 -2.02 1.53 28.01
C SER B 15 -1.01 0.74 27.19
N THR B 16 -1.47 -0.15 26.32
CA THR B 16 -0.59 -1.13 25.73
C THR B 16 -0.22 -0.71 24.32
N ILE B 17 -0.36 0.58 24.04
CA ILE B 17 0.08 1.11 22.75
C ILE B 17 1.56 1.42 22.76
N GLY B 18 2.22 1.31 23.91
CA GLY B 18 3.64 1.51 24.04
C GLY B 18 4.49 0.47 23.38
N LEU B 19 3.89 -0.56 22.78
CA LEU B 19 4.61 -1.51 21.96
C LEU B 19 4.90 -0.97 20.57
N LEU B 20 4.37 0.20 20.22
CA LEU B 20 4.85 0.89 19.02
C LEU B 20 6.31 1.25 19.17
N GLY B 21 6.67 1.95 20.24
CA GLY B 21 8.04 2.31 20.54
C GLY B 21 8.87 1.09 20.85
N ALA B 22 8.23 0.05 21.37
CA ALA B 22 8.90 -1.23 21.54
C ALA B 22 8.92 -2.05 20.25
N GLY B 23 8.10 -1.69 19.27
CA GLY B 23 8.15 -2.37 17.99
C GLY B 23 9.27 -1.88 17.11
N ILE B 24 9.18 -0.63 16.67
CA ILE B 24 10.21 -0.12 15.77
C ILE B 24 11.50 0.21 16.50
N GLY B 25 11.44 0.39 17.81
CA GLY B 25 12.67 0.41 18.58
C GLY B 25 13.39 -0.92 18.59
N ILE B 26 12.66 -2.01 18.43
CA ILE B 26 13.27 -3.33 18.27
C ILE B 26 13.70 -3.56 16.84
N ALA B 27 13.51 -2.59 15.95
CA ALA B 27 13.73 -2.76 14.52
C ALA B 27 14.95 -2.02 14.00
N ILE B 28 15.07 -0.72 14.29
CA ILE B 28 16.18 0.07 13.75
C ILE B 28 17.52 -0.36 14.31
N VAL B 29 17.51 -0.96 15.51
CA VAL B 29 18.69 -1.54 16.13
C VAL B 29 19.29 -2.63 15.24
N PHE B 30 18.46 -3.41 14.55
CA PHE B 30 18.98 -4.32 13.55
C PHE B 30 18.98 -3.73 12.15
N ALA B 31 18.06 -2.80 11.88
CA ALA B 31 18.00 -2.21 10.55
C ALA B 31 19.19 -1.32 10.27
N ALA B 32 19.62 -0.55 11.26
CA ALA B 32 20.86 0.21 11.06
C ALA B 32 22.08 -0.67 11.17
N LEU B 33 21.96 -1.87 11.75
CA LEU B 33 23.07 -2.80 11.78
C LEU B 33 23.39 -3.36 10.41
N ILE B 34 22.37 -3.66 9.61
CA ILE B 34 22.59 -4.50 8.45
C ILE B 34 23.14 -3.72 7.27
N ASN B 35 22.66 -2.51 7.01
CA ASN B 35 23.31 -1.67 6.02
C ASN B 35 24.55 -0.99 6.58
N GLY B 36 24.72 -0.99 7.90
CA GLY B 36 25.99 -0.60 8.47
C GLY B 36 27.07 -1.63 8.20
N VAL B 37 26.77 -2.91 8.41
CA VAL B 37 27.73 -3.96 8.12
C VAL B 37 27.78 -4.27 6.62
N SER B 38 26.83 -3.74 5.85
CA SER B 38 26.96 -3.83 4.40
C SER B 38 27.94 -2.81 3.87
N ARG B 39 28.22 -1.75 4.63
CA ARG B 39 29.36 -0.93 4.29
C ARG B 39 30.67 -1.64 4.54
N ASN B 40 30.75 -2.42 5.60
CA ASN B 40 32.01 -3.03 5.99
C ASN B 40 31.68 -4.33 6.71
N PRO B 41 31.82 -5.48 6.04
CA PRO B 41 31.53 -6.75 6.69
C PRO B 41 32.59 -7.19 7.68
N SER B 42 33.64 -6.42 7.91
CA SER B 42 34.63 -6.82 8.91
C SER B 42 34.30 -6.32 10.31
N ILE B 43 33.32 -5.41 10.45
CA ILE B 43 32.98 -4.85 11.75
C ILE B 43 31.89 -5.66 12.43
N LYS B 44 31.45 -6.75 11.81
CA LYS B 44 30.43 -7.62 12.37
C LYS B 44 30.87 -8.27 13.66
N ASP B 45 32.16 -8.52 13.83
CA ASP B 45 32.67 -9.20 15.00
C ASP B 45 32.62 -8.35 16.27
N THR B 46 32.60 -7.03 16.14
CA THR B 46 32.57 -6.16 17.31
C THR B 46 31.19 -5.57 17.61
N VAL B 47 30.21 -5.74 16.73
CA VAL B 47 28.86 -5.29 16.97
C VAL B 47 27.96 -6.41 17.42
N PHE B 48 28.43 -7.66 17.32
CA PHE B 48 27.89 -8.83 17.99
C PHE B 48 27.82 -8.64 19.51
N PRO B 49 28.72 -7.89 20.16
CA PRO B 49 28.37 -7.42 21.51
C PRO B 49 27.62 -6.10 21.55
N MET B 50 27.59 -5.34 20.45
CA MET B 50 26.87 -4.07 20.50
C MET B 50 25.41 -4.22 20.11
N ALA B 51 25.04 -5.33 19.48
CA ALA B 51 23.63 -5.66 19.39
C ALA B 51 23.12 -6.30 20.68
N ILE B 52 24.04 -6.77 21.53
CA ILE B 52 23.65 -7.19 22.88
C ILE B 52 23.26 -5.99 23.72
N LEU B 53 24.20 -5.03 23.87
CA LEU B 53 23.95 -3.84 24.67
C LEU B 53 23.30 -2.71 23.86
N GLY B 54 22.77 -3.01 22.68
CA GLY B 54 21.94 -2.05 22.00
C GLY B 54 20.48 -2.42 21.99
N PHE B 55 20.18 -3.72 21.94
CA PHE B 55 18.81 -4.18 21.86
C PHE B 55 18.18 -4.41 23.23
N ALA B 56 18.96 -4.85 24.22
CA ALA B 56 18.39 -5.23 25.51
C ALA B 56 17.90 -4.01 26.27
N LEU B 57 18.64 -2.91 26.23
CA LEU B 57 18.15 -1.66 26.76
C LEU B 57 17.10 -1.02 25.87
N SER B 58 17.03 -1.40 24.59
CA SER B 58 15.97 -0.90 23.72
C SER B 58 14.60 -1.44 24.09
N GLU B 59 14.54 -2.65 24.62
CA GLU B 59 13.30 -3.26 25.07
C GLU B 59 13.22 -3.28 26.59
N ALA B 60 14.00 -2.40 27.23
CA ALA B 60 13.77 -2.12 28.63
C ALA B 60 12.41 -1.49 28.84
N THR B 61 11.97 -0.68 27.89
CA THR B 61 10.61 -0.18 27.87
C THR B 61 9.58 -1.24 27.52
N GLY B 62 10.01 -2.36 26.93
CA GLY B 62 9.09 -3.44 26.62
C GLY B 62 8.57 -4.18 27.83
N LEU B 63 9.37 -4.27 28.89
CA LEU B 63 8.86 -4.76 30.15
C LEU B 63 8.05 -3.67 30.85
N PHE B 64 8.35 -2.41 30.55
CA PHE B 64 7.68 -1.30 31.20
C PHE B 64 6.33 -0.95 30.56
N CYS B 65 5.94 -1.63 29.48
CA CYS B 65 4.61 -1.39 28.94
C CYS B 65 3.64 -2.53 29.21
N LEU B 66 4.13 -3.66 29.72
CA LEU B 66 3.24 -4.75 30.08
C LEU B 66 3.05 -4.89 31.58
N MET B 67 4.02 -4.49 32.39
CA MET B 67 3.80 -4.50 33.83
C MET B 67 2.82 -3.43 34.24
N VAL B 68 2.74 -2.34 33.48
CA VAL B 68 1.63 -1.42 33.64
C VAL B 68 0.34 -2.04 33.14
N SER B 69 0.40 -2.82 32.06
CA SER B 69 -0.76 -3.54 31.57
C SER B 69 -1.15 -4.72 32.46
N PHE B 70 -0.30 -5.11 33.39
CA PHE B 70 -0.62 -6.17 34.35
C PHE B 70 -1.17 -5.62 35.66
N LEU B 71 -1.90 -4.52 35.60
CA LEU B 71 -2.67 -4.05 36.74
C LEU B 71 -3.79 -4.99 37.13
N LEU B 72 -4.22 -5.88 36.24
CA LEU B 72 -5.38 -6.74 36.46
C LEU B 72 -5.04 -8.12 36.97
N LEU B 73 -3.86 -8.65 36.67
CA LEU B 73 -3.53 -10.03 37.02
C LEU B 73 -3.31 -10.18 38.51
N PHE B 74 -2.37 -9.42 39.07
CA PHE B 74 -2.12 -9.46 40.49
C PHE B 74 -1.63 -8.09 40.96
N FME C 1 -17.38 6.37 46.36
CN FME C 1 -18.62 6.41 45.79
O1 FME C 1 -18.91 7.22 44.90
CA FME C 1 -16.34 7.27 45.94
CB FME C 1 -15.65 7.98 47.12
CG FME C 1 -16.06 7.41 48.45
C FME C 1 -15.26 6.54 45.17
O FME C 1 -14.12 6.98 44.99
N GLN C 2 -15.62 5.36 44.67
CA GLN C 2 -14.72 4.54 43.88
C GLN C 2 -14.85 4.84 42.40
N LEU C 3 -15.69 5.85 42.10
CA LEU C 3 -15.74 6.37 40.74
C LEU C 3 -14.44 7.03 40.34
N VAL C 4 -13.88 7.88 41.21
CA VAL C 4 -12.58 8.46 40.95
C VAL C 4 -11.48 7.41 41.03
N LEU C 5 -11.65 6.37 41.86
CA LEU C 5 -10.67 5.29 41.87
C LEU C 5 -10.75 4.47 40.60
N ALA C 6 -11.94 4.40 40.01
CA ALA C 6 -12.05 3.85 38.66
C ALA C 6 -11.41 4.78 37.63
N ALA C 7 -11.45 6.09 37.88
CA ALA C 7 -10.74 7.02 37.00
C ALA C 7 -9.24 6.92 37.16
N LYS C 8 -8.75 6.66 38.37
CA LYS C 8 -7.34 6.41 38.57
C LYS C 8 -6.92 5.04 38.06
N TYR C 9 -7.87 4.13 37.83
CA TYR C 9 -7.54 2.91 37.12
C TYR C 9 -7.27 3.19 35.65
N ILE C 10 -8.20 3.85 34.96
CA ILE C 10 -7.98 4.17 33.57
C ILE C 10 -6.96 5.28 33.40
N GLY C 11 -6.89 6.22 34.36
CA GLY C 11 -5.85 7.23 34.32
C GLY C 11 -4.45 6.70 34.55
N ALA C 12 -4.34 5.50 35.13
CA ALA C 12 -3.05 4.81 35.11
C ALA C 12 -2.74 4.28 33.72
N GLY C 13 -3.76 4.09 32.88
CA GLY C 13 -3.52 3.59 31.54
C GLY C 13 -2.94 4.63 30.62
N ILE C 14 -3.36 5.88 30.75
CA ILE C 14 -2.76 6.94 29.98
C ILE C 14 -1.65 7.64 30.78
N SER C 15 -1.16 6.98 31.83
CA SER C 15 -0.11 7.56 32.66
C SER C 15 1.26 7.40 32.01
N THR C 16 1.70 6.16 31.82
CA THR C 16 3.03 5.93 31.29
C THR C 16 2.81 5.24 29.94
N ILE C 17 1.81 5.74 29.22
CA ILE C 17 1.70 5.49 27.79
C ILE C 17 2.81 6.17 27.00
N GLY C 18 3.36 7.27 27.52
CA GLY C 18 4.36 8.04 26.81
C GLY C 18 5.74 7.45 26.90
N LEU C 19 5.87 6.19 26.52
CA LEU C 19 7.15 5.54 26.35
C LEU C 19 7.47 5.28 24.89
N LEU C 20 6.64 5.79 23.98
CA LEU C 20 7.04 5.81 22.58
C LEU C 20 8.23 6.73 22.38
N GLY C 21 8.24 7.88 23.07
CA GLY C 21 9.34 8.81 22.96
C GLY C 21 10.63 8.26 23.51
N ALA C 22 10.55 7.44 24.56
CA ALA C 22 11.71 6.75 25.08
C ALA C 22 11.85 5.34 24.52
N GLY C 23 11.02 4.98 23.55
CA GLY C 23 11.12 3.67 22.94
C GLY C 23 11.82 3.72 21.60
N ILE C 24 11.46 4.70 20.77
CA ILE C 24 12.19 4.88 19.52
C ILE C 24 13.37 5.80 19.70
N GLY C 25 13.38 6.60 20.76
CA GLY C 25 14.48 7.50 21.01
C GLY C 25 15.66 6.72 21.53
N ILE C 26 15.37 5.66 22.29
CA ILE C 26 16.43 4.83 22.86
C ILE C 26 17.06 3.93 21.80
N ALA C 27 16.43 3.83 20.62
CA ALA C 27 16.99 3.06 19.53
C ALA C 27 17.62 3.90 18.46
N ILE C 28 17.09 5.09 18.21
CA ILE C 28 17.60 5.93 17.13
C ILE C 28 18.98 6.46 17.45
N VAL C 29 19.33 6.60 18.73
CA VAL C 29 20.70 6.96 19.08
C VAL C 29 21.63 5.80 18.78
N PHE C 30 21.17 4.58 19.02
CA PHE C 30 21.95 3.41 18.63
C PHE C 30 21.89 3.17 17.14
N ALA C 31 20.87 3.70 16.47
CA ALA C 31 20.87 3.67 15.01
C ALA C 31 21.96 4.57 14.44
N ALA C 32 22.30 5.63 15.17
CA ALA C 32 23.42 6.47 14.76
C ALA C 32 24.75 5.92 15.21
N LEU C 33 24.81 5.26 16.38
CA LEU C 33 26.07 4.67 16.80
C LEU C 33 26.47 3.55 15.89
N ILE C 34 25.55 2.64 15.60
CA ILE C 34 25.94 1.44 14.89
C ILE C 34 26.17 1.73 13.41
N ASN C 35 25.63 2.83 12.90
CA ASN C 35 26.04 3.28 11.59
C ASN C 35 27.26 4.19 11.68
N GLY C 36 27.54 4.71 12.87
CA GLY C 36 28.73 5.50 13.04
C GLY C 36 29.98 4.65 13.10
N VAL C 37 30.02 3.66 13.99
CA VAL C 37 31.19 2.80 14.11
C VAL C 37 31.34 1.89 12.91
N SER C 38 30.28 1.72 12.12
CA SER C 38 30.40 1.01 10.86
C SER C 38 31.31 1.74 9.91
N ARG C 39 31.15 3.05 9.78
CA ARG C 39 31.93 3.77 8.80
C ARG C 39 33.34 4.04 9.27
N ASN C 40 33.58 4.03 10.56
CA ASN C 40 34.93 4.19 11.09
C ASN C 40 35.04 3.63 12.49
N PRO C 41 35.99 2.74 12.75
CA PRO C 41 36.18 2.22 14.11
C PRO C 41 37.06 3.08 15.00
N SER C 42 37.56 4.22 14.54
CA SER C 42 38.47 5.02 15.35
C SER C 42 37.73 5.98 16.29
N ILE C 43 36.46 5.72 16.57
CA ILE C 43 35.70 6.50 17.54
C ILE C 43 35.04 5.53 18.50
N LYS C 44 35.61 4.32 18.59
CA LYS C 44 34.97 3.23 19.32
C LYS C 44 34.92 3.45 20.82
N ASP C 45 35.77 4.32 21.35
CA ASP C 45 35.79 4.62 22.78
C ASP C 45 35.57 6.09 23.07
N THR C 46 35.28 6.90 22.04
CA THR C 46 34.99 8.30 22.22
C THR C 46 33.50 8.56 22.37
N VAL C 47 32.72 8.18 21.35
CA VAL C 47 31.28 8.43 21.38
C VAL C 47 30.51 7.33 22.09
N PHE C 48 31.14 6.21 22.38
CA PHE C 48 30.52 5.12 23.14
C PHE C 48 30.21 5.57 24.56
N PRO C 49 31.01 6.44 25.20
CA PRO C 49 30.43 7.17 26.34
C PRO C 49 29.43 8.23 25.93
N MET C 50 29.63 8.89 24.79
CA MET C 50 28.74 9.99 24.46
C MET C 50 27.39 9.53 23.95
N ALA C 51 27.29 8.30 23.45
CA ALA C 51 25.98 7.74 23.15
C ALA C 51 25.36 7.09 24.39
N ILE C 52 26.20 6.63 25.32
CA ILE C 52 25.72 6.31 26.66
C ILE C 52 25.18 7.57 27.33
N LEU C 53 25.85 8.71 27.10
CA LEU C 53 25.28 10.00 27.47
C LEU C 53 24.00 10.27 26.69
N GLY C 54 23.90 9.80 25.46
CA GLY C 54 22.62 9.88 24.80
C GLY C 54 21.60 8.89 25.31
N PHE C 55 22.03 7.78 25.89
CA PHE C 55 21.13 6.75 26.37
C PHE C 55 20.36 7.16 27.61
N ALA C 56 21.04 7.55 28.68
CA ALA C 56 20.34 7.89 29.91
C ALA C 56 19.62 9.22 29.80
N LEU C 57 20.13 10.12 28.96
CA LEU C 57 19.45 11.39 28.77
C LEU C 57 18.23 11.27 27.88
N SER C 58 18.09 10.17 27.14
CA SER C 58 16.87 9.94 26.37
C SER C 58 15.73 9.37 27.20
N GLU C 59 16.05 8.74 28.34
CA GLU C 59 15.06 8.18 29.23
C GLU C 59 14.55 9.19 30.25
N ALA C 60 14.88 10.47 30.09
CA ALA C 60 14.27 11.51 30.91
C ALA C 60 12.80 11.69 30.57
N THR C 61 12.36 11.24 29.39
CA THR C 61 10.95 11.05 29.10
C THR C 61 10.49 9.65 29.46
N GLY C 62 11.36 8.82 30.04
CA GLY C 62 10.98 7.46 30.32
C GLY C 62 10.45 7.26 31.72
N LEU C 63 11.23 7.65 32.71
CA LEU C 63 10.89 7.35 34.10
C LEU C 63 10.45 8.61 34.83
N PHE C 64 9.89 9.55 34.08
CA PHE C 64 9.55 10.86 34.65
C PHE C 64 8.12 10.86 35.19
N CYS C 65 7.18 10.44 34.36
CA CYS C 65 5.77 10.33 34.75
C CYS C 65 5.52 9.20 35.74
N LEU C 66 6.45 8.26 35.83
CA LEU C 66 6.22 6.99 36.51
C LEU C 66 6.23 7.12 38.02
N MET C 67 6.81 8.19 38.56
CA MET C 67 7.09 8.26 40.00
C MET C 67 5.82 8.43 40.82
N VAL C 68 4.78 9.02 40.23
CA VAL C 68 3.45 8.93 40.84
C VAL C 68 2.58 7.91 40.10
N SER C 69 2.97 7.50 38.90
CA SER C 69 2.19 6.53 38.16
C SER C 69 2.40 5.12 38.67
N PHE C 70 3.61 4.77 39.11
CA PHE C 70 3.77 3.54 39.87
C PHE C 70 3.42 3.67 41.34
N LEU C 71 3.27 4.89 41.86
CA LEU C 71 2.99 5.04 43.27
C LEU C 71 1.56 5.46 43.55
N LEU C 72 0.67 5.37 42.57
CA LEU C 72 -0.75 5.54 42.84
C LEU C 72 -1.39 4.26 43.37
N LEU C 73 -0.63 3.20 43.56
CA LEU C 73 -1.15 1.96 44.10
C LEU C 73 -1.43 2.09 45.59
N PHE C 74 -0.40 2.39 46.37
CA PHE C 74 -0.54 2.56 47.81
C PHE C 74 -0.96 3.97 48.20
N GLY C 75 -0.76 4.94 47.31
CA GLY C 75 -1.15 6.32 47.60
C GLY C 75 -0.76 7.32 46.52
N FME D 1 -17.83 17.33 44.94
CN FME D 1 -18.55 18.47 44.62
O1 FME D 1 -18.06 19.48 44.10
CA FME D 1 -16.42 17.18 44.72
CB FME D 1 -15.60 17.30 46.03
C FME D 1 -16.10 15.83 44.12
O FME D 1 -15.09 15.59 43.46
N GLN D 2 -17.02 14.89 44.34
CA GLN D 2 -16.87 13.52 43.89
C GLN D 2 -17.10 13.39 42.39
N LEU D 3 -17.83 14.36 41.84
CA LEU D 3 -18.11 14.44 40.42
C LEU D 3 -17.49 15.65 39.75
N VAL D 4 -16.99 16.61 40.53
CA VAL D 4 -16.50 17.88 40.02
C VAL D 4 -14.99 17.95 40.09
N LEU D 5 -14.43 17.96 41.31
CA LEU D 5 -13.00 18.03 41.53
C LEU D 5 -12.32 16.68 41.43
N ALA D 6 -13.09 15.59 41.52
CA ALA D 6 -12.52 14.27 41.31
C ALA D 6 -12.27 13.97 39.85
N ALA D 7 -12.81 14.79 38.95
CA ALA D 7 -12.66 14.56 37.52
C ALA D 7 -11.27 14.87 36.99
N LYS D 8 -10.47 15.66 37.72
CA LYS D 8 -9.22 16.19 37.20
C LYS D 8 -8.11 15.17 37.11
N TYR D 9 -8.34 13.92 37.53
CA TYR D 9 -7.27 12.94 37.43
C TYR D 9 -7.11 12.43 36.00
N ILE D 10 -8.18 12.45 35.21
CA ILE D 10 -8.04 12.05 33.82
C ILE D 10 -7.55 13.20 32.95
N GLY D 11 -7.69 14.44 33.40
CA GLY D 11 -7.03 15.55 32.73
C GLY D 11 -5.52 15.52 32.88
N ALA D 12 -5.02 14.82 33.89
CA ALA D 12 -3.59 14.65 34.04
C ALA D 12 -3.06 13.57 33.12
N GLY D 13 -3.84 12.52 32.89
CA GLY D 13 -3.42 11.45 32.02
C GLY D 13 -3.26 11.86 30.58
N ILE D 14 -3.99 12.87 30.13
CA ILE D 14 -3.77 13.43 28.81
C ILE D 14 -2.69 14.50 28.84
N SER D 15 -2.33 15.00 30.01
CA SER D 15 -1.22 15.93 30.10
C SER D 15 0.12 15.26 29.96
N THR D 16 0.21 13.98 30.30
CA THR D 16 1.46 13.21 30.29
C THR D 16 1.62 12.39 29.03
N ILE D 17 1.12 12.88 27.91
CA ILE D 17 1.35 12.24 26.63
C ILE D 17 2.13 13.23 25.77
N GLY D 18 2.29 14.45 26.29
CA GLY D 18 3.06 15.46 25.59
C GLY D 18 4.54 15.22 25.50
N LEU D 19 5.04 14.25 26.26
CA LEU D 19 6.46 13.97 26.30
C LEU D 19 6.91 13.01 25.22
N LEU D 20 6.02 12.61 24.29
CA LEU D 20 6.48 11.76 23.20
C LEU D 20 7.34 12.53 22.22
N GLY D 21 7.17 13.85 22.12
CA GLY D 21 8.08 14.65 21.34
C GLY D 21 9.30 15.07 22.11
N ALA D 22 9.24 15.04 23.43
CA ALA D 22 10.40 15.30 24.26
C ALA D 22 11.45 14.22 24.13
N GLY D 23 11.04 12.96 24.07
CA GLY D 23 11.99 11.85 24.01
C GLY D 23 12.74 11.75 22.69
N ILE D 24 12.30 12.50 21.68
CA ILE D 24 12.98 12.48 20.39
C ILE D 24 14.06 13.55 20.33
N GLY D 25 13.80 14.72 20.93
CA GLY D 25 14.76 15.80 20.90
C GLY D 25 15.93 15.62 21.82
N ILE D 26 15.81 14.69 22.76
CA ILE D 26 16.91 14.31 23.63
C ILE D 26 17.50 13.04 23.03
N ALA D 27 17.14 12.76 21.79
CA ALA D 27 17.68 11.63 21.05
C ALA D 27 18.30 12.04 19.73
N ILE D 28 17.64 12.92 18.98
CA ILE D 28 18.14 13.15 17.62
C ILE D 28 19.21 14.21 17.53
N VAL D 29 19.33 15.10 18.52
CA VAL D 29 20.53 15.93 18.55
C VAL D 29 21.70 15.08 19.00
N PHE D 30 21.43 14.05 19.79
CA PHE D 30 22.45 13.03 19.97
C PHE D 30 22.67 12.22 18.70
N ALA D 31 21.64 12.06 17.87
CA ALA D 31 21.80 11.23 16.68
C ALA D 31 22.56 11.94 15.58
N ALA D 32 22.48 13.26 15.49
CA ALA D 32 23.28 13.97 14.52
C ALA D 32 24.66 14.27 15.04
N LEU D 33 24.88 14.13 16.34
CA LEU D 33 26.21 14.25 16.92
C LEU D 33 27.14 13.14 16.48
N ILE D 34 26.70 11.89 16.62
CA ILE D 34 27.58 10.76 16.39
C ILE D 34 27.90 10.63 14.90
N ASN D 35 26.96 11.01 14.03
CA ASN D 35 27.31 11.10 12.63
C ASN D 35 27.99 12.42 12.31
N GLY D 36 27.85 13.42 13.17
CA GLY D 36 28.51 14.68 12.96
C GLY D 36 29.98 14.58 13.25
N VAL D 37 30.33 13.77 14.24
CA VAL D 37 31.74 13.54 14.50
C VAL D 37 32.31 12.46 13.61
N SER D 38 31.49 11.84 12.77
CA SER D 38 31.99 10.82 11.85
C SER D 38 32.95 11.39 10.82
N ARG D 39 32.46 12.23 9.92
CA ARG D 39 33.25 12.72 8.80
C ARG D 39 34.16 13.88 9.19
N ASN D 40 34.15 14.30 10.45
CA ASN D 40 35.12 15.25 10.93
C ASN D 40 35.34 14.98 12.41
N PRO D 41 36.37 14.22 12.77
CA PRO D 41 36.63 13.98 14.19
C PRO D 41 37.17 15.19 14.92
N SER D 42 37.86 16.10 14.23
CA SER D 42 38.41 17.28 14.89
C SER D 42 37.48 18.47 14.82
N ILE D 43 36.22 18.25 15.15
CA ILE D 43 35.27 19.31 15.41
C ILE D 43 34.57 18.91 16.69
N LYS D 44 35.17 17.94 17.38
CA LYS D 44 34.53 17.20 18.46
C LYS D 44 34.13 18.11 19.62
N ASP D 45 35.10 18.72 20.28
CA ASP D 45 34.83 19.40 21.54
C ASP D 45 34.48 20.87 21.36
N THR D 46 34.14 21.30 20.15
CA THR D 46 33.41 22.54 19.96
C THR D 46 31.94 22.30 19.70
N VAL D 47 31.62 21.18 19.05
CA VAL D 47 30.23 20.86 18.77
C VAL D 47 29.57 20.22 19.98
N PHE D 48 30.33 19.40 20.72
CA PHE D 48 29.84 18.79 21.95
C PHE D 48 29.34 19.78 23.02
N PRO D 49 29.85 21.01 23.15
CA PRO D 49 29.11 21.99 23.95
C PRO D 49 28.03 22.74 23.19
N MET D 50 28.10 22.83 21.86
CA MET D 50 27.00 23.47 21.13
C MET D 50 25.83 22.54 20.91
N ALA D 51 25.99 21.25 21.20
CA ALA D 51 24.91 20.29 21.10
C ALA D 51 24.22 20.02 22.43
N ILE D 52 24.92 20.17 23.56
CA ILE D 52 24.30 19.90 24.84
C ILE D 52 23.29 20.98 25.21
N LEU D 53 23.37 22.16 24.59
CA LEU D 53 22.27 23.11 24.73
C LEU D 53 21.04 22.61 23.99
N GLY D 54 21.22 21.87 22.91
CA GLY D 54 20.13 21.18 22.26
C GLY D 54 19.46 20.13 23.13
N PHE D 55 20.19 19.54 24.07
CA PHE D 55 19.55 18.70 25.08
C PHE D 55 18.77 19.55 26.06
N ALA D 56 19.27 20.75 26.34
CA ALA D 56 18.58 21.64 27.25
C ALA D 56 17.44 22.38 26.57
N LEU D 57 17.59 22.74 25.30
CA LEU D 57 16.56 23.57 24.70
C LEU D 57 15.36 22.75 24.23
N SER D 58 15.61 21.56 23.68
CA SER D 58 14.52 20.71 23.22
C SER D 58 13.72 20.13 24.37
N GLU D 59 14.36 19.83 25.50
CA GLU D 59 13.63 19.30 26.63
C GLU D 59 12.90 20.38 27.42
N ALA D 60 13.07 21.65 27.05
CA ALA D 60 12.34 22.73 27.69
C ALA D 60 10.85 22.63 27.43
N THR D 61 10.45 22.06 26.29
CA THR D 61 9.05 21.72 26.10
C THR D 61 8.67 20.50 26.90
N GLY D 62 9.60 19.55 27.06
CA GLY D 62 9.32 18.38 27.85
C GLY D 62 9.23 18.65 29.34
N LEU D 63 9.77 19.78 29.79
CA LEU D 63 9.69 20.10 31.21
C LEU D 63 8.63 21.15 31.49
N PHE D 64 8.36 22.04 30.54
CA PHE D 64 7.18 22.87 30.65
C PHE D 64 5.89 22.11 30.40
N CYS D 65 5.98 20.88 29.88
CA CYS D 65 4.80 20.05 29.66
C CYS D 65 4.11 19.68 30.96
N LEU D 66 4.79 18.92 31.80
CA LEU D 66 4.10 18.27 32.91
C LEU D 66 4.03 19.14 34.15
N MET D 67 4.32 20.44 34.03
CA MET D 67 3.92 21.40 35.05
C MET D 67 2.41 21.42 35.21
N VAL D 68 1.66 21.25 34.12
CA VAL D 68 0.21 21.20 34.23
C VAL D 68 -0.25 19.86 34.76
N SER D 69 0.62 18.84 34.74
CA SER D 69 0.29 17.58 35.38
C SER D 69 0.46 17.69 36.89
N PHE D 70 1.43 18.46 37.34
CA PHE D 70 1.61 18.67 38.76
C PHE D 70 0.98 19.96 39.26
N LEU D 71 0.25 20.68 38.39
CA LEU D 71 -0.56 21.79 38.86
C LEU D 71 -1.74 21.29 39.69
N LEU D 72 -2.23 20.09 39.36
CA LEU D 72 -3.35 19.52 40.06
C LEU D 72 -2.94 18.66 41.26
N LEU D 73 -1.68 18.24 41.34
CA LEU D 73 -1.22 17.53 42.53
C LEU D 73 -0.86 18.49 43.66
N PHE D 74 0.19 19.29 43.46
CA PHE D 74 0.64 20.23 44.49
C PHE D 74 0.24 21.66 44.14
N FME E 1 -24.83 22.33 36.91
CN FME E 1 -24.69 22.00 35.60
O1 FME E 1 -24.03 22.70 34.82
CA FME E 1 -24.21 23.49 37.47
CB FME E 1 -25.10 24.19 38.53
CG FME E 1 -25.03 25.69 38.43
C FME E 1 -22.87 23.18 38.14
O FME E 1 -22.18 24.03 38.72
N GLN E 2 -22.49 21.92 38.06
CA GLN E 2 -21.26 21.47 38.70
C GLN E 2 -20.52 20.47 37.83
N LEU E 3 -21.26 19.81 36.95
CA LEU E 3 -20.72 18.78 36.07
C LEU E 3 -20.44 19.28 34.65
N VAL E 4 -20.65 20.56 34.39
CA VAL E 4 -20.38 21.12 33.06
C VAL E 4 -19.16 22.03 33.07
N LEU E 5 -19.16 23.02 33.94
CA LEU E 5 -18.07 23.98 34.03
C LEU E 5 -16.81 23.37 34.61
N ALA E 6 -16.89 22.18 35.19
CA ALA E 6 -15.72 21.46 35.66
C ALA E 6 -14.85 20.95 34.53
N ALA E 7 -15.35 20.95 33.29
CA ALA E 7 -14.62 20.45 32.14
C ALA E 7 -13.54 21.40 31.65
N LYS E 8 -13.50 22.63 32.16
CA LYS E 8 -12.46 23.57 31.74
C LYS E 8 -11.10 23.18 32.27
N TYR E 9 -11.05 22.46 33.40
CA TYR E 9 -9.81 21.86 33.85
C TYR E 9 -9.75 20.37 33.54
N ILE E 10 -10.51 19.91 32.54
CA ILE E 10 -10.34 18.58 32.00
C ILE E 10 -9.80 18.61 30.59
N GLY E 11 -10.37 19.45 29.73
CA GLY E 11 -9.83 19.65 28.41
C GLY E 11 -8.55 20.46 28.38
N ALA E 12 -8.11 20.97 29.53
CA ALA E 12 -6.82 21.65 29.63
C ALA E 12 -5.65 20.69 29.79
N GLY E 13 -5.90 19.38 29.82
CA GLY E 13 -4.81 18.44 29.78
C GLY E 13 -4.49 17.99 28.38
N ILE E 14 -5.47 18.13 27.46
CA ILE E 14 -5.29 17.63 26.10
C ILE E 14 -4.43 18.56 25.27
N SER E 15 -4.18 19.78 25.73
CA SER E 15 -3.42 20.75 24.95
C SER E 15 -1.93 20.66 25.21
N THR E 16 -1.46 19.60 25.85
CA THR E 16 -0.04 19.40 26.08
C THR E 16 0.64 18.72 24.90
N ILE E 17 -0.10 18.42 23.85
CA ILE E 17 0.45 17.86 22.63
C ILE E 17 0.22 18.86 21.51
N GLY E 18 0.25 20.15 21.85
CA GLY E 18 -0.05 21.20 20.91
C GLY E 18 0.91 21.27 19.75
N LEU E 19 2.17 21.57 20.04
CA LEU E 19 3.25 21.35 19.10
C LEU E 19 4.45 20.78 19.82
N LEU E 20 4.20 20.08 20.92
CA LEU E 20 5.26 19.65 21.82
C LEU E 20 6.00 18.43 21.34
N GLY E 21 5.93 18.15 20.05
CA GLY E 21 6.98 17.46 19.34
C GLY E 21 8.15 18.40 19.09
N ALA E 22 8.88 18.75 20.16
CA ALA E 22 10.14 19.45 19.99
C ALA E 22 11.16 18.59 19.28
N GLY E 23 11.09 17.28 19.50
CA GLY E 23 11.93 16.37 18.74
C GLY E 23 11.57 16.32 17.27
N ILE E 24 10.29 16.57 16.95
CA ILE E 24 9.92 16.64 15.56
C ILE E 24 10.15 18.06 15.05
N GLY E 25 10.22 19.02 15.95
CA GLY E 25 10.28 20.44 15.66
C GLY E 25 11.66 20.99 15.99
N ILE E 26 11.78 21.53 17.21
CA ILE E 26 12.91 22.35 17.67
C ILE E 26 14.25 21.65 17.47
N ALA E 27 14.31 20.36 17.72
CA ALA E 27 15.58 19.66 17.67
C ALA E 27 16.12 19.46 16.25
N ILE E 28 15.26 19.37 15.25
CA ILE E 28 15.72 19.00 13.91
C ILE E 28 16.43 20.13 13.19
N VAL E 29 16.36 21.36 13.68
CA VAL E 29 17.27 22.37 13.17
C VAL E 29 18.63 22.24 13.84
N PHE E 30 18.68 21.75 15.07
CA PHE E 30 19.97 21.56 15.70
C PHE E 30 20.66 20.33 15.17
N ALA E 31 19.89 19.39 14.65
CA ALA E 31 20.48 18.29 13.89
C ALA E 31 21.07 18.80 12.60
N ALA E 32 20.31 19.61 11.86
CA ALA E 32 20.79 20.21 10.62
C ALA E 32 21.90 21.21 10.86
N LEU E 33 21.99 21.76 12.08
CA LEU E 33 23.10 22.62 12.43
C LEU E 33 24.40 21.85 12.42
N ILE E 34 24.53 20.86 13.30
CA ILE E 34 25.78 20.13 13.40
C ILE E 34 25.94 19.09 12.30
N ASN E 35 24.94 18.92 11.45
CA ASN E 35 25.17 18.29 10.16
C ASN E 35 25.97 19.20 9.24
N GLY E 36 25.53 20.45 9.10
CA GLY E 36 26.17 21.35 8.15
C GLY E 36 27.54 21.82 8.58
N VAL E 37 27.74 22.10 9.86
CA VAL E 37 29.02 22.64 10.33
C VAL E 37 30.06 21.57 10.55
N SER E 38 29.70 20.29 10.46
CA SER E 38 30.70 19.24 10.38
C SER E 38 31.10 18.96 8.95
N ARG E 39 30.44 19.61 7.98
CA ARG E 39 30.88 19.61 6.59
C ARG E 39 31.81 20.78 6.30
N ASN E 40 31.44 21.97 6.76
CA ASN E 40 32.34 23.13 6.73
C ASN E 40 32.49 23.63 8.16
N PRO E 41 33.63 23.41 8.82
CA PRO E 41 33.81 24.00 10.16
C PRO E 41 33.92 25.51 10.16
N SER E 42 34.32 26.11 9.03
CA SER E 42 34.55 27.55 8.94
C SER E 42 33.31 28.32 8.52
N ILE E 43 32.11 27.81 8.84
CA ILE E 43 30.88 28.45 8.44
C ILE E 43 29.91 28.60 9.62
N LYS E 44 30.28 28.11 10.80
CA LYS E 44 29.36 28.03 11.93
C LYS E 44 28.99 29.40 12.49
N ASP E 45 29.73 30.45 12.10
CA ASP E 45 29.41 31.77 12.63
C ASP E 45 28.43 32.52 11.75
N THR E 46 28.06 31.96 10.61
CA THR E 46 26.98 32.55 9.82
C THR E 46 25.69 31.74 9.88
N VAL E 47 25.71 30.59 10.54
CA VAL E 47 24.51 29.75 10.64
C VAL E 47 23.76 29.94 11.94
N PHE E 48 24.43 30.31 13.03
CA PHE E 48 23.77 30.79 14.24
C PHE E 48 22.93 32.05 14.05
N PRO E 49 23.24 32.99 13.15
CA PRO E 49 22.25 34.02 12.82
C PRO E 49 21.00 33.52 12.12
N MET E 50 21.00 32.30 11.56
CA MET E 50 19.82 31.78 10.90
C MET E 50 19.27 30.50 11.52
N ALA E 51 19.93 29.94 12.52
CA ALA E 51 19.38 28.76 13.19
C ALA E 51 18.72 29.11 14.52
N ILE E 52 19.49 29.63 15.47
CA ILE E 52 18.90 29.90 16.78
C ILE E 52 18.08 31.17 16.75
N LEU E 53 18.39 32.11 15.86
CA LEU E 53 17.46 33.19 15.59
C LEU E 53 16.35 32.72 14.66
N GLY E 54 16.60 31.68 13.86
CA GLY E 54 15.53 31.02 13.15
C GLY E 54 14.69 30.15 14.06
N PHE E 55 15.25 29.76 15.22
CA PHE E 55 14.54 28.89 16.15
C PHE E 55 13.32 29.59 16.75
N ALA E 56 13.48 30.84 17.14
CA ALA E 56 12.35 31.61 17.63
C ALA E 56 11.34 31.88 16.53
N LEU E 57 11.82 31.97 15.27
CA LEU E 57 10.91 32.04 14.15
C LEU E 57 10.14 30.74 13.98
N SER E 58 10.73 29.62 14.40
CA SER E 58 9.92 28.42 14.48
C SER E 58 9.07 28.43 15.74
N GLU E 59 9.61 28.92 16.85
CA GLU E 59 8.86 28.93 18.09
C GLU E 59 8.01 30.17 18.26
N ALA E 60 7.86 30.98 17.20
CA ALA E 60 6.72 31.89 17.16
C ALA E 60 5.42 31.10 17.15
N THR E 61 5.42 29.94 16.50
CA THR E 61 4.34 28.97 16.70
C THR E 61 4.34 28.47 18.13
N GLY E 62 5.52 28.23 18.69
CA GLY E 62 5.62 27.67 20.01
C GLY E 62 5.37 28.62 21.15
N LEU E 63 5.09 29.89 20.84
CA LEU E 63 4.58 30.83 21.83
C LEU E 63 3.26 30.36 22.42
N PHE E 64 2.35 29.86 21.59
CA PHE E 64 1.03 29.43 22.01
C PHE E 64 0.95 27.92 22.13
N CYS E 65 2.05 27.32 22.61
CA CYS E 65 2.04 25.90 22.96
C CYS E 65 0.97 25.61 23.99
N LEU E 66 0.90 26.42 25.02
CA LEU E 66 -0.01 26.20 26.13
C LEU E 66 -0.58 27.51 26.64
N MET E 67 -0.60 28.54 25.80
CA MET E 67 -1.30 29.78 26.14
C MET E 67 -2.80 29.54 26.23
N VAL E 68 -3.34 28.67 25.38
CA VAL E 68 -4.74 28.28 25.49
C VAL E 68 -4.99 27.35 26.65
N SER E 69 -3.94 26.83 27.28
CA SER E 69 -4.14 25.97 28.45
C SER E 69 -4.40 26.82 29.68
N PHE E 70 -3.42 27.64 30.06
CA PHE E 70 -3.48 28.38 31.30
C PHE E 70 -4.53 29.47 31.30
N LEU E 71 -4.93 29.95 30.12
CA LEU E 71 -5.89 31.05 30.06
C LEU E 71 -7.26 30.60 30.50
N LEU E 72 -7.62 29.37 30.20
CA LEU E 72 -8.82 28.78 30.77
C LEU E 72 -8.53 27.93 32.00
N LEU E 73 -7.39 28.15 32.67
CA LEU E 73 -7.10 27.46 33.92
C LEU E 73 -7.25 28.36 35.14
N PHE E 74 -6.54 29.49 35.16
CA PHE E 74 -6.64 30.40 36.29
C PHE E 74 -7.48 31.63 35.93
N FME F 1 -28.51 24.37 27.20
CN FME F 1 -29.55 23.72 27.84
O1 FME F 1 -29.92 23.95 29.01
CA FME F 1 -27.68 25.41 27.73
CB FME F 1 -28.48 26.70 28.03
CG FME F 1 -27.78 27.92 27.49
SD FME F 1 -28.60 29.32 28.20
CE FME F 1 -27.65 30.65 27.59
C FME F 1 -26.95 25.08 29.04
O FME F 1 -26.66 25.92 29.90
N GLN F 2 -26.63 23.80 29.18
CA GLN F 2 -25.76 23.36 30.25
C GLN F 2 -24.49 22.86 29.57
N LEU F 3 -24.54 21.59 29.14
CA LEU F 3 -23.38 20.87 28.63
C LEU F 3 -22.77 21.49 27.37
N VAL F 4 -23.48 22.39 26.70
CA VAL F 4 -22.87 23.11 25.59
C VAL F 4 -21.78 24.06 26.07
N LEU F 5 -21.77 24.43 27.35
CA LEU F 5 -20.67 25.24 27.86
C LEU F 5 -19.42 24.39 28.09
N ALA F 6 -19.59 23.10 28.35
CA ALA F 6 -18.44 22.22 28.46
C ALA F 6 -17.82 21.91 27.11
N ALA F 7 -18.64 21.75 26.07
CA ALA F 7 -18.13 21.32 24.77
C ALA F 7 -17.42 22.45 24.05
N LYS F 8 -17.73 23.70 24.40
CA LYS F 8 -16.94 24.80 23.87
C LYS F 8 -15.65 25.02 24.65
N TYR F 9 -15.44 24.30 25.74
CA TYR F 9 -14.18 24.32 26.45
C TYR F 9 -13.27 23.16 26.10
N ILE F 10 -13.79 21.93 26.11
CA ILE F 10 -12.98 20.77 25.71
C ILE F 10 -12.61 20.82 24.24
N GLY F 11 -13.56 21.16 23.36
CA GLY F 11 -13.29 21.23 21.94
C GLY F 11 -12.43 22.40 21.53
N ALA F 12 -12.33 23.41 22.40
CA ALA F 12 -11.39 24.49 22.13
C ALA F 12 -9.96 24.04 22.35
N GLY F 13 -9.73 23.17 23.35
CA GLY F 13 -8.39 22.78 23.69
C GLY F 13 -7.79 21.77 22.74
N ILE F 14 -8.62 20.94 22.12
CA ILE F 14 -8.15 19.98 21.14
C ILE F 14 -7.69 20.68 19.86
N SER F 15 -8.22 21.88 19.59
CA SER F 15 -7.88 22.64 18.40
C SER F 15 -6.42 23.02 18.31
N THR F 16 -5.75 23.17 19.45
CA THR F 16 -4.36 23.55 19.49
C THR F 16 -3.42 22.38 19.23
N ILE F 17 -3.92 21.14 19.29
CA ILE F 17 -3.12 19.99 18.83
C ILE F 17 -2.86 20.08 17.34
N GLY F 18 -3.78 20.70 16.58
CA GLY F 18 -3.57 21.00 15.19
C GLY F 18 -2.49 22.03 14.89
N LEU F 19 -1.99 22.72 15.90
CA LEU F 19 -0.90 23.67 15.73
C LEU F 19 0.46 22.98 15.67
N LEU F 20 0.51 21.65 15.89
CA LEU F 20 1.68 20.83 15.55
C LEU F 20 2.14 21.03 14.12
N GLY F 21 1.21 21.20 13.18
CA GLY F 21 1.61 21.43 11.79
C GLY F 21 2.33 22.74 11.60
N ALA F 22 1.92 23.78 12.31
CA ALA F 22 2.64 25.04 12.27
C ALA F 22 3.99 24.95 12.96
N GLY F 23 4.08 24.14 14.01
CA GLY F 23 5.34 23.98 14.72
C GLY F 23 6.38 23.25 13.91
N ILE F 24 6.02 22.08 13.38
CA ILE F 24 7.00 21.25 12.69
C ILE F 24 7.31 21.81 11.32
N GLY F 25 6.31 22.37 10.64
CA GLY F 25 6.54 23.01 9.35
C GLY F 25 7.41 24.24 9.43
N ILE F 26 7.42 24.93 10.57
CA ILE F 26 8.37 26.02 10.75
C ILE F 26 9.75 25.53 11.14
N ALA F 27 9.95 24.22 11.22
CA ALA F 27 11.26 23.66 11.57
C ALA F 27 12.03 23.15 10.36
N ILE F 28 11.41 22.38 9.47
CA ILE F 28 12.14 21.90 8.30
C ILE F 28 12.47 23.00 7.31
N VAL F 29 11.76 24.13 7.34
CA VAL F 29 12.11 25.27 6.50
C VAL F 29 13.48 25.82 6.83
N PHE F 30 13.92 25.72 8.08
CA PHE F 30 15.30 26.01 8.44
C PHE F 30 16.17 24.77 8.46
N ALA F 31 15.60 23.58 8.71
CA ALA F 31 16.40 22.37 8.76
C ALA F 31 16.85 21.93 7.38
N ALA F 32 16.24 22.50 6.33
CA ALA F 32 16.76 22.38 4.97
C ALA F 32 17.39 23.67 4.48
N LEU F 33 17.27 24.75 5.25
CA LEU F 33 17.90 25.99 4.85
C LEU F 33 19.40 25.89 4.98
N ILE F 34 19.86 25.39 6.13
CA ILE F 34 21.23 25.61 6.50
C ILE F 34 22.17 24.53 5.98
N ASN F 35 21.67 23.32 5.74
CA ASN F 35 22.52 22.36 5.04
C ASN F 35 22.71 22.77 3.58
N GLY F 36 21.80 23.59 3.05
CA GLY F 36 22.02 24.15 1.73
C GLY F 36 23.13 25.18 1.69
N VAL F 37 23.16 26.08 2.67
CA VAL F 37 24.24 27.05 2.71
C VAL F 37 25.53 26.42 3.19
N SER F 38 25.48 25.22 3.77
CA SER F 38 26.71 24.52 4.14
C SER F 38 27.50 24.09 2.92
N ARG F 39 26.85 23.46 1.94
CA ARG F 39 27.57 23.06 0.74
C ARG F 39 27.88 24.27 -0.12
N ASN F 40 26.92 25.16 -0.31
CA ASN F 40 27.15 26.34 -1.12
C ASN F 40 26.99 27.60 -0.28
N PRO F 41 28.08 28.13 0.25
CA PRO F 41 27.99 29.30 1.13
C PRO F 41 27.66 30.57 0.38
N SER F 42 28.28 30.75 -0.78
CA SER F 42 28.20 32.01 -1.51
C SER F 42 26.82 32.29 -2.05
N ILE F 43 26.12 31.28 -2.54
CA ILE F 43 24.80 31.46 -3.14
C ILE F 43 23.81 31.29 -1.98
N LYS F 44 23.37 32.42 -1.42
CA LYS F 44 22.49 32.41 -0.27
C LYS F 44 21.19 33.17 -0.49
N ASP F 45 21.22 34.35 -1.07
CA ASP F 45 20.03 35.19 -1.15
C ASP F 45 19.04 34.76 -2.21
N THR F 46 19.23 33.60 -2.82
CA THR F 46 18.23 33.05 -3.72
C THR F 46 17.17 32.24 -2.98
N VAL F 47 17.39 31.91 -1.71
CA VAL F 47 16.46 31.08 -0.95
C VAL F 47 15.96 31.74 0.32
N PHE F 48 16.71 32.66 0.90
CA PHE F 48 16.30 33.36 2.11
C PHE F 48 15.01 34.17 1.91
N PRO F 49 14.72 34.75 0.74
CA PRO F 49 13.35 35.22 0.51
C PRO F 49 12.33 34.10 0.38
N MET F 50 12.62 33.03 -0.35
CA MET F 50 11.59 32.02 -0.51
C MET F 50 11.45 31.11 0.71
N ALA F 51 12.36 31.21 1.68
CA ALA F 51 12.19 30.46 2.92
C ALA F 51 11.11 31.08 3.79
N ILE F 52 11.08 32.41 3.88
CA ILE F 52 9.99 33.06 4.61
C ILE F 52 8.69 32.97 3.83
N LEU F 53 8.75 32.70 2.52
CA LEU F 53 7.56 32.24 1.82
C LEU F 53 7.13 30.88 2.32
N GLY F 54 8.09 29.96 2.46
CA GLY F 54 7.80 28.67 3.05
C GLY F 54 7.38 28.75 4.50
N PHE F 55 7.90 29.71 5.25
CA PHE F 55 7.42 29.90 6.60
C PHE F 55 6.01 30.46 6.61
N ALA F 56 5.73 31.44 5.74
CA ALA F 56 4.39 31.99 5.66
C ALA F 56 3.41 30.96 5.11
N LEU F 57 3.88 30.06 4.25
CA LEU F 57 3.06 28.93 3.83
C LEU F 57 2.74 28.00 5.00
N SER F 58 3.70 27.75 5.88
CA SER F 58 3.44 26.88 7.01
C SER F 58 2.58 27.55 8.08
N GLU F 59 2.86 28.81 8.39
CA GLU F 59 2.14 29.47 9.47
C GLU F 59 0.74 29.88 9.07
N ALA F 60 0.44 29.89 7.78
CA ALA F 60 -0.93 30.17 7.36
C ALA F 60 -1.87 29.04 7.73
N THR F 61 -1.39 27.80 7.72
CA THR F 61 -2.18 26.68 8.16
C THR F 61 -2.44 26.70 9.66
N GLY F 62 -1.44 27.02 10.46
CA GLY F 62 -1.61 27.10 11.90
C GLY F 62 -2.42 28.30 12.32
N LEU F 63 -2.35 29.37 11.55
CA LEU F 63 -3.20 30.52 11.85
C LEU F 63 -4.58 30.39 11.24
N PHE F 64 -4.76 29.49 10.28
CA PHE F 64 -6.09 28.99 9.95
C PHE F 64 -6.46 27.77 10.76
N CYS F 65 -5.80 27.55 11.90
CA CYS F 65 -6.13 26.45 12.79
C CYS F 65 -6.65 26.91 14.14
N LEU F 66 -5.87 27.68 14.88
CA LEU F 66 -6.10 27.81 16.31
C LEU F 66 -7.22 28.76 16.67
N MET F 67 -7.52 29.74 15.83
CA MET F 67 -8.49 30.77 16.19
C MET F 67 -9.93 30.26 16.20
N VAL F 68 -10.17 29.02 15.79
CA VAL F 68 -11.52 28.47 15.84
C VAL F 68 -11.97 28.21 17.26
N SER F 69 -11.05 28.16 18.23
CA SER F 69 -11.45 28.15 19.63
C SER F 69 -12.15 29.45 19.99
N PHE F 70 -11.54 30.59 19.64
CA PHE F 70 -12.13 31.90 19.82
C PHE F 70 -12.93 32.35 18.60
N LEU F 71 -13.51 31.40 17.86
CA LEU F 71 -14.41 31.75 16.78
C LEU F 71 -15.72 32.33 17.31
N LEU F 72 -16.47 31.54 18.09
CA LEU F 72 -17.72 31.97 18.70
C LEU F 72 -17.72 31.63 20.18
N LEU F 73 -16.61 31.94 20.87
CA LEU F 73 -16.49 31.56 22.27
C LEU F 73 -17.38 32.45 23.15
N PHE F 74 -17.40 33.76 22.86
CA PHE F 74 -18.29 34.67 23.54
C PHE F 74 -19.66 34.70 22.86
N FME G 1 -32.01 17.15 25.19
CN FME G 1 -31.38 16.01 24.75
O1 FME G 1 -31.27 15.70 23.56
CA FME G 1 -32.61 18.13 24.32
CB FME G 1 -33.84 18.80 24.97
C FME G 1 -31.63 19.24 23.95
O FME G 1 -31.82 20.07 23.05
N GLN G 2 -30.53 19.25 24.67
CA GLN G 2 -29.47 20.24 24.49
C GLN G 2 -28.30 19.63 23.73
N LEU G 3 -28.36 18.32 23.55
CA LEU G 3 -27.21 17.53 23.14
C LEU G 3 -26.84 17.68 21.66
N VAL G 4 -27.81 17.95 20.79
CA VAL G 4 -27.52 18.01 19.35
C VAL G 4 -26.75 19.29 19.04
N LEU G 5 -27.15 20.40 19.64
CA LEU G 5 -26.41 21.64 19.58
C LEU G 5 -25.24 21.67 20.56
N ALA G 6 -25.09 20.65 21.40
CA ALA G 6 -23.90 20.52 22.20
C ALA G 6 -22.75 19.87 21.44
N ALA G 7 -23.06 18.99 20.49
CA ALA G 7 -22.04 18.32 19.70
C ALA G 7 -21.51 19.19 18.57
N LYS G 8 -22.06 20.39 18.40
CA LYS G 8 -21.52 21.34 17.45
C LYS G 8 -20.16 21.89 17.86
N TYR G 9 -19.80 21.78 19.14
CA TYR G 9 -18.56 22.33 19.62
C TYR G 9 -17.52 21.27 19.94
N ILE G 10 -17.91 20.02 20.11
CA ILE G 10 -16.93 18.95 20.13
C ILE G 10 -16.75 18.35 18.74
N GLY G 11 -17.73 18.51 17.87
CA GLY G 11 -17.69 17.94 16.53
C GLY G 11 -16.93 18.73 15.50
N ALA G 12 -16.42 19.90 15.88
CA ALA G 12 -15.56 20.66 15.00
C ALA G 12 -14.16 20.84 15.55
N GLY G 13 -14.02 20.94 16.87
CA GLY G 13 -12.69 21.09 17.46
C GLY G 13 -11.87 19.82 17.35
N ILE G 14 -12.53 18.67 17.22
CA ILE G 14 -11.80 17.46 16.93
C ILE G 14 -11.56 17.35 15.43
N SER G 15 -12.27 18.16 14.63
CA SER G 15 -12.15 18.05 13.19
C SER G 15 -10.98 18.85 12.65
N THR G 16 -10.36 19.67 13.47
CA THR G 16 -9.22 20.46 13.06
C THR G 16 -7.89 19.84 13.46
N ILE G 17 -7.86 18.55 13.74
CA ILE G 17 -6.59 17.88 13.92
C ILE G 17 -5.86 17.78 12.59
N GLY G 18 -6.53 17.31 11.55
CA GLY G 18 -5.90 17.07 10.27
C GLY G 18 -5.49 18.28 9.46
N LEU G 19 -5.54 19.47 10.06
CA LEU G 19 -4.93 20.65 9.50
C LEU G 19 -3.42 20.67 9.74
N LEU G 20 -2.89 19.71 10.49
CA LEU G 20 -1.44 19.54 10.53
C LEU G 20 -0.93 18.84 9.29
N GLY G 21 -1.82 18.17 8.55
CA GLY G 21 -1.45 17.47 7.33
C GLY G 21 -0.87 18.37 6.27
N ALA G 22 -1.40 19.57 6.12
CA ALA G 22 -0.68 20.54 5.31
C ALA G 22 0.43 21.20 6.09
N GLY G 23 0.37 21.16 7.42
CA GLY G 23 1.30 21.88 8.24
C GLY G 23 2.71 21.33 8.16
N ILE G 24 2.89 20.06 8.52
CA ILE G 24 4.15 19.42 8.21
C ILE G 24 4.29 19.20 6.71
N GLY G 25 3.16 19.09 6.01
CA GLY G 25 3.17 18.81 4.59
C GLY G 25 3.73 19.89 3.69
N ILE G 26 3.20 21.11 3.81
CA ILE G 26 3.53 22.15 2.83
C ILE G 26 4.95 22.64 2.98
N ALA G 27 5.58 22.38 4.10
CA ALA G 27 6.96 22.78 4.25
C ALA G 27 7.94 21.74 3.73
N ILE G 28 7.51 20.49 3.59
CA ILE G 28 8.36 19.44 3.03
C ILE G 28 8.74 19.76 1.60
N VAL G 29 7.81 20.31 0.81
CA VAL G 29 8.15 20.76 -0.53
C VAL G 29 9.19 21.88 -0.45
N PHE G 30 9.00 22.79 0.50
CA PHE G 30 10.04 23.78 0.74
C PHE G 30 11.27 23.16 1.37
N ALA G 31 11.11 22.10 2.16
CA ALA G 31 12.26 21.35 2.64
C ALA G 31 12.96 20.58 1.55
N ALA G 32 12.31 20.39 0.41
CA ALA G 32 13.01 19.84 -0.73
C ALA G 32 13.76 20.90 -1.51
N LEU G 33 13.20 22.11 -1.57
CA LEU G 33 13.79 23.17 -2.37
C LEU G 33 15.14 23.62 -1.89
N ILE G 34 15.27 23.90 -0.60
CA ILE G 34 16.40 24.69 -0.14
C ILE G 34 17.68 23.85 -0.06
N ASN G 35 17.57 22.53 0.02
CA ASN G 35 18.71 21.69 -0.31
C ASN G 35 18.64 21.14 -1.73
N GLY G 36 17.53 21.35 -2.44
CA GLY G 36 17.51 20.99 -3.84
C GLY G 36 18.37 21.87 -4.69
N VAL G 37 18.27 23.20 -4.52
CA VAL G 37 19.14 24.10 -5.26
C VAL G 37 20.46 24.30 -4.57
N SER G 38 20.72 23.59 -3.47
CA SER G 38 22.06 23.54 -2.92
C SER G 38 23.04 22.93 -3.91
N ARG G 39 22.72 21.74 -4.41
CA ARG G 39 23.60 21.06 -5.34
C ARG G 39 23.55 21.64 -6.75
N ASN G 40 22.54 22.43 -7.08
CA ASN G 40 22.42 23.03 -8.41
C ASN G 40 21.66 24.34 -8.32
N PRO G 41 22.38 25.47 -8.22
CA PRO G 41 21.69 26.76 -8.09
C PRO G 41 21.15 27.32 -9.40
N SER G 42 21.58 26.78 -10.53
CA SER G 42 21.26 27.37 -11.83
C SER G 42 19.81 27.14 -12.21
N ILE G 43 19.37 25.89 -12.22
CA ILE G 43 18.01 25.57 -12.62
C ILE G 43 17.07 25.80 -11.46
N LYS G 44 16.53 27.02 -11.36
CA LYS G 44 15.56 27.30 -10.31
C LYS G 44 14.39 28.08 -10.88
N ASP G 45 14.57 28.66 -12.06
CA ASP G 45 13.53 29.51 -12.62
C ASP G 45 12.36 28.70 -13.16
N THR G 46 12.57 27.43 -13.46
CA THR G 46 11.48 26.57 -13.92
C THR G 46 10.99 25.61 -12.85
N VAL G 47 11.83 25.24 -11.89
CA VAL G 47 11.44 24.21 -10.92
C VAL G 47 10.83 24.83 -9.67
N PHE G 48 11.06 26.12 -9.44
CA PHE G 48 10.34 26.80 -8.36
C PHE G 48 8.85 27.01 -8.65
N PRO G 49 8.41 27.46 -9.85
CA PRO G 49 6.95 27.60 -10.03
C PRO G 49 6.23 26.28 -10.09
N MET G 50 6.91 25.19 -10.44
CA MET G 50 6.29 23.88 -10.32
C MET G 50 6.16 23.46 -8.86
N ALA G 51 6.97 24.03 -7.97
CA ALA G 51 6.82 23.74 -6.55
C ALA G 51 5.69 24.55 -5.94
N ILE G 52 5.36 25.68 -6.54
CA ILE G 52 4.18 26.41 -6.10
C ILE G 52 2.93 25.62 -6.46
N LEU G 53 2.98 24.86 -7.55
CA LEU G 53 1.91 23.92 -7.87
C LEU G 53 1.76 22.87 -6.76
N GLY G 54 2.88 22.38 -6.24
CA GLY G 54 2.81 21.51 -5.08
C GLY G 54 2.42 22.28 -3.82
N PHE G 55 2.76 23.56 -3.76
CA PHE G 55 2.35 24.37 -2.62
C PHE G 55 0.84 24.55 -2.62
N ALA G 56 0.26 24.79 -3.80
CA ALA G 56 -1.16 25.06 -3.87
C ALA G 56 -1.98 23.78 -3.80
N LEU G 57 -1.46 22.67 -4.32
CA LEU G 57 -2.26 21.45 -4.37
C LEU G 57 -2.39 20.79 -3.00
N SER G 58 -1.37 20.89 -2.15
CA SER G 58 -1.45 20.37 -0.81
C SER G 58 -2.01 21.39 0.18
N GLU G 59 -2.07 22.66 -0.21
CA GLU G 59 -2.86 23.63 0.53
C GLU G 59 -4.35 23.42 0.34
N ALA G 60 -4.75 22.77 -0.75
CA ALA G 60 -6.15 22.43 -0.96
C ALA G 60 -6.62 21.43 0.08
N THR G 61 -5.76 20.49 0.47
CA THR G 61 -6.02 19.72 1.68
C THR G 61 -5.39 20.39 2.89
N GLY G 62 -5.56 21.70 2.99
CA GLY G 62 -5.17 22.47 4.15
C GLY G 62 -6.37 23.31 4.48
N LEU G 63 -7.33 23.32 3.57
CA LEU G 63 -8.60 23.98 3.78
C LEU G 63 -9.78 23.03 3.77
N PHE G 64 -9.60 21.81 3.24
CA PHE G 64 -10.63 20.79 3.33
C PHE G 64 -10.89 20.39 4.77
N CYS G 65 -9.84 20.33 5.60
CA CYS G 65 -10.04 19.86 6.96
C CYS G 65 -10.54 20.98 7.87
N LEU G 66 -10.57 22.21 7.37
CA LEU G 66 -11.33 23.27 8.03
C LEU G 66 -12.62 23.59 7.30
N MET G 67 -12.88 22.96 6.17
CA MET G 67 -14.14 23.18 5.47
C MET G 67 -15.31 22.69 6.29
N VAL G 68 -15.22 21.49 6.84
CA VAL G 68 -16.30 20.99 7.66
C VAL G 68 -16.33 21.64 9.04
N SER G 69 -15.24 22.31 9.44
CA SER G 69 -15.30 23.12 10.64
C SER G 69 -16.07 24.41 10.39
N PHE G 70 -16.19 24.82 9.12
CA PHE G 70 -16.98 26.01 8.82
C PHE G 70 -18.37 25.61 8.37
N LEU G 71 -18.62 24.31 8.22
CA LEU G 71 -19.96 23.80 7.97
C LEU G 71 -20.75 23.86 9.27
N LEU G 72 -20.02 23.95 10.40
CA LEU G 72 -20.58 24.35 11.68
C LEU G 72 -21.39 25.65 11.60
N LEU G 73 -20.95 26.61 10.76
CA LEU G 73 -21.69 27.86 10.65
C LEU G 73 -23.00 27.68 9.89
N PHE G 74 -23.17 26.58 9.16
CA PHE G 74 -24.49 26.20 8.68
C PHE G 74 -24.90 24.88 9.32
N FME H 1 -35.28 10.29 19.35
CN FME H 1 -35.67 9.23 20.14
O1 FME H 1 -35.34 8.07 19.89
CA FME H 1 -34.47 10.13 18.17
CB FME H 1 -35.26 9.65 16.96
CG FME H 1 -34.86 8.25 16.56
C FME H 1 -33.74 11.41 17.76
O FME H 1 -33.68 11.80 16.60
N GLN H 2 -33.21 12.08 18.77
CA GLN H 2 -32.29 13.18 18.52
C GLN H 2 -30.90 12.77 18.98
N LEU H 3 -30.76 11.53 19.41
CA LEU H 3 -29.43 11.00 19.71
C LEU H 3 -28.76 10.45 18.45
N VAL H 4 -29.54 9.84 17.56
CA VAL H 4 -28.99 9.37 16.29
C VAL H 4 -28.62 10.55 15.39
N LEU H 5 -29.37 11.65 15.41
CA LEU H 5 -28.95 12.84 14.68
C LEU H 5 -27.87 13.60 15.41
N ALA H 6 -27.62 13.26 16.67
CA ALA H 6 -26.34 13.61 17.27
C ALA H 6 -25.27 12.60 16.92
N ALA H 7 -25.65 11.34 16.71
CA ALA H 7 -24.67 10.33 16.32
C ALA H 7 -24.25 10.47 14.87
N LYS H 8 -25.14 10.95 14.00
CA LYS H 8 -24.73 11.37 12.67
C LYS H 8 -24.23 12.81 12.65
N TYR H 9 -23.89 13.37 13.81
CA TYR H 9 -23.26 14.68 13.90
C TYR H 9 -21.89 14.63 14.55
N ILE H 10 -21.68 13.71 15.49
CA ILE H 10 -20.40 13.64 16.18
C ILE H 10 -19.31 13.03 15.31
N GLY H 11 -19.67 12.28 14.29
CA GLY H 11 -18.73 11.38 13.67
C GLY H 11 -17.99 11.92 12.47
N ALA H 12 -18.32 13.11 12.00
CA ALA H 12 -17.57 13.68 10.88
C ALA H 12 -16.19 14.15 11.31
N GLY H 13 -16.07 14.71 12.50
CA GLY H 13 -14.79 15.17 12.98
C GLY H 13 -13.91 14.03 13.43
N ILE H 14 -14.52 12.86 13.69
CA ILE H 14 -13.71 11.71 14.06
C ILE H 14 -13.37 10.89 12.82
N SER H 15 -13.88 11.28 11.66
CA SER H 15 -13.56 10.62 10.41
C SER H 15 -12.67 11.47 9.52
N THR H 16 -12.16 12.59 10.04
CA THR H 16 -11.29 13.44 9.25
C THR H 16 -9.87 13.45 9.78
N ILE H 17 -9.54 12.59 10.74
CA ILE H 17 -8.14 12.31 11.03
C ILE H 17 -7.47 11.70 9.82
N GLY H 18 -8.17 10.85 9.08
CA GLY H 18 -7.59 10.13 7.97
C GLY H 18 -7.21 10.98 6.77
N LEU H 19 -7.56 12.25 6.80
CA LEU H 19 -7.13 13.16 5.75
C LEU H 19 -5.64 13.42 5.78
N LEU H 20 -5.02 13.37 6.96
CA LEU H 20 -3.65 13.84 7.11
C LEU H 20 -2.65 12.99 6.37
N GLY H 21 -3.00 11.74 6.06
CA GLY H 21 -2.20 10.97 5.14
C GLY H 21 -2.14 11.65 3.79
N ALA H 22 -3.28 12.11 3.29
CA ALA H 22 -3.32 12.81 2.02
C ALA H 22 -2.76 14.22 2.10
N GLY H 23 -2.72 14.80 3.28
CA GLY H 23 -2.14 16.12 3.44
C GLY H 23 -0.63 16.09 3.22
N ILE H 24 0.01 14.98 3.60
CA ILE H 24 1.44 14.86 3.39
C ILE H 24 1.79 13.91 2.27
N GLY H 25 0.86 13.04 1.87
CA GLY H 25 1.15 12.13 0.79
C GLY H 25 1.37 12.80 -0.53
N ILE H 26 0.66 13.90 -0.78
CA ILE H 26 0.89 14.65 -2.00
C ILE H 26 2.18 15.45 -1.95
N ALA H 27 2.77 15.60 -0.77
CA ALA H 27 4.01 16.35 -0.65
C ALA H 27 5.25 15.50 -0.71
N ILE H 28 5.21 14.30 -0.13
CA ILE H 28 6.39 13.45 -0.18
C ILE H 28 6.58 12.91 -1.59
N VAL H 29 5.51 12.80 -2.37
CA VAL H 29 5.71 12.56 -3.79
C VAL H 29 6.28 13.81 -4.44
N PHE H 30 5.82 14.99 -4.04
CA PHE H 30 6.42 16.21 -4.55
C PHE H 30 7.81 16.43 -4.02
N ALA H 31 8.13 15.82 -2.88
CA ALA H 31 9.47 15.91 -2.34
C ALA H 31 10.48 15.26 -3.25
N ALA H 32 10.12 14.16 -3.89
CA ALA H 32 11.06 13.56 -4.80
C ALA H 32 11.07 14.23 -6.15
N LEU H 33 10.16 15.17 -6.41
CA LEU H 33 10.18 15.87 -7.69
C LEU H 33 11.35 16.84 -7.80
N ILE H 34 11.51 17.73 -6.83
CA ILE H 34 12.44 18.84 -7.01
C ILE H 34 13.87 18.36 -6.90
N ASN H 35 14.18 17.46 -5.98
CA ASN H 35 15.49 16.86 -6.03
C ASN H 35 15.59 15.76 -7.09
N GLY H 36 14.46 15.37 -7.68
CA GLY H 36 14.52 14.52 -8.85
C GLY H 36 15.14 15.24 -10.02
N VAL H 37 14.64 16.44 -10.34
CA VAL H 37 15.15 17.17 -11.50
C VAL H 37 16.45 17.89 -11.22
N SER H 38 16.89 17.94 -9.96
CA SER H 38 18.15 18.59 -9.64
C SER H 38 19.34 17.77 -10.10
N ARG H 39 19.18 16.46 -10.26
CA ARG H 39 20.26 15.63 -10.74
C ARG H 39 20.41 15.66 -12.25
N ASN H 40 19.32 15.97 -12.96
CA ASN H 40 19.36 16.20 -14.39
C ASN H 40 18.18 17.05 -14.79
N PRO H 41 18.41 18.21 -15.40
CA PRO H 41 17.30 19.01 -15.90
C PRO H 41 16.71 18.49 -17.21
N SER H 42 17.35 17.51 -17.84
CA SER H 42 16.83 16.88 -19.05
C SER H 42 15.87 15.74 -18.77
N ILE H 43 15.54 15.52 -17.50
CA ILE H 43 14.51 14.56 -17.11
C ILE H 43 13.18 15.22 -16.83
N LYS H 44 13.08 16.53 -17.09
CA LYS H 44 12.09 17.41 -16.48
C LYS H 44 10.66 17.05 -16.88
N ASP H 45 10.47 16.53 -18.09
CA ASP H 45 9.11 16.23 -18.51
C ASP H 45 8.86 14.74 -18.67
N THR H 46 9.83 13.89 -18.34
CA THR H 46 9.55 12.46 -18.30
C THR H 46 9.42 11.90 -16.90
N VAL H 47 9.52 12.75 -15.87
CA VAL H 47 9.18 12.36 -14.51
C VAL H 47 8.10 13.24 -13.89
N PHE H 48 7.81 14.39 -14.48
CA PHE H 48 6.72 15.25 -14.04
C PHE H 48 5.36 14.55 -14.12
N PRO H 49 4.86 14.08 -15.29
CA PRO H 49 3.46 13.66 -15.31
C PRO H 49 3.21 12.30 -14.67
N MET H 50 4.20 11.43 -14.61
CA MET H 50 3.95 10.10 -14.07
C MET H 50 3.84 10.11 -12.55
N ALA H 51 4.56 11.02 -11.90
CA ALA H 51 4.40 11.12 -10.46
C ALA H 51 3.13 11.87 -10.10
N ILE H 52 2.53 12.58 -11.05
CA ILE H 52 1.17 13.08 -10.85
C ILE H 52 0.18 11.94 -10.92
N LEU H 53 0.39 11.01 -11.85
CA LEU H 53 -0.29 9.72 -11.77
C LEU H 53 0.14 8.97 -10.51
N GLY H 54 1.37 9.17 -10.06
CA GLY H 54 1.75 8.71 -8.74
C GLY H 54 1.15 9.52 -7.61
N PHE H 55 0.81 10.78 -7.87
CA PHE H 55 0.09 11.57 -6.89
C PHE H 55 -1.37 11.18 -6.77
N ALA H 56 -2.02 10.90 -7.90
CA ALA H 56 -3.48 10.93 -7.96
C ALA H 56 -4.11 9.84 -7.12
N LEU H 57 -3.42 8.72 -6.94
CA LEU H 57 -3.92 7.67 -6.07
C LEU H 57 -3.91 8.09 -4.61
N SER H 58 -2.97 8.95 -4.21
CA SER H 58 -2.88 9.38 -2.82
C SER H 58 -4.02 10.29 -2.41
N GLU H 59 -4.60 10.99 -3.36
CA GLU H 59 -5.74 11.84 -3.08
C GLU H 59 -6.99 11.03 -2.83
N ALA H 60 -7.14 9.88 -3.50
CA ALA H 60 -8.35 9.09 -3.40
C ALA H 60 -8.51 8.46 -2.02
N THR H 61 -7.42 8.21 -1.32
CA THR H 61 -7.50 7.85 0.10
C THR H 61 -8.05 8.99 0.93
N GLY H 62 -7.56 10.20 0.69
CA GLY H 62 -8.18 11.37 1.28
C GLY H 62 -9.53 11.69 0.68
N LEU H 63 -9.80 11.22 -0.53
CA LEU H 63 -11.14 11.28 -1.07
C LEU H 63 -11.94 10.05 -0.76
N PHE H 64 -11.39 9.14 0.02
CA PHE H 64 -12.19 8.09 0.62
C PHE H 64 -12.70 8.49 1.98
N CYS H 65 -12.09 9.47 2.62
CA CYS H 65 -12.52 9.84 3.96
C CYS H 65 -13.58 10.92 3.95
N LEU H 66 -13.58 11.82 2.95
CA LEU H 66 -14.55 12.90 2.98
C LEU H 66 -15.95 12.38 2.67
N MET H 67 -16.04 11.32 1.86
CA MET H 67 -17.35 10.78 1.53
C MET H 67 -17.94 10.01 2.70
N VAL H 68 -17.08 9.51 3.58
CA VAL H 68 -17.56 8.90 4.82
C VAL H 68 -18.17 9.95 5.73
N SER H 69 -17.50 11.08 5.93
CA SER H 69 -18.05 12.16 6.73
C SER H 69 -19.29 12.76 6.11
N PHE H 70 -19.35 12.80 4.78
CA PHE H 70 -20.49 13.46 4.14
C PHE H 70 -21.70 12.54 4.10
N LEU H 71 -21.49 11.23 3.93
CA LEU H 71 -22.58 10.29 4.16
C LEU H 71 -22.94 10.26 5.64
N LEU H 72 -21.98 10.54 6.51
CA LEU H 72 -22.32 10.78 7.91
C LEU H 72 -23.02 12.12 8.08
N LEU H 73 -22.75 13.09 7.19
CA LEU H 73 -23.39 14.39 7.29
C LEU H 73 -24.83 14.35 6.79
N PHE H 74 -25.01 14.04 5.51
CA PHE H 74 -26.34 13.97 4.94
C PHE H 74 -27.03 12.68 5.38
N GLY H 75 -28.35 12.69 5.45
CA GLY H 75 -29.09 11.54 5.92
C GLY H 75 -30.09 10.98 4.93
N FME I 1 -33.56 1.54 20.83
CN FME I 1 -32.63 1.56 21.84
O1 FME I 1 -31.45 1.16 21.71
CA FME I 1 -33.33 1.07 19.49
CB FME I 1 -34.62 1.08 18.63
C FME I 1 -32.29 1.90 18.76
O FME I 1 -31.47 1.42 17.98
N GLN I 2 -32.34 3.19 19.01
CA GLN I 2 -31.36 4.11 18.44
C GLN I 2 -30.32 4.49 19.48
N LEU I 3 -30.39 3.85 20.66
CA LEU I 3 -29.35 4.05 21.66
C LEU I 3 -28.20 3.07 21.44
N VAL I 4 -28.48 1.96 20.75
CA VAL I 4 -27.46 1.03 20.29
C VAL I 4 -27.00 1.35 18.87
N LEU I 5 -27.89 1.90 18.05
CA LEU I 5 -27.53 2.35 16.71
C LEU I 5 -26.68 3.61 16.76
N ALA I 6 -26.71 4.33 17.89
CA ALA I 6 -25.92 5.55 18.03
C ALA I 6 -24.42 5.29 18.06
N ALA I 7 -23.99 4.06 18.33
CA ALA I 7 -22.57 3.77 18.28
C ALA I 7 -22.14 3.12 16.97
N LYS I 8 -23.08 2.71 16.12
CA LYS I 8 -22.69 2.26 14.79
C LYS I 8 -22.14 3.41 13.96
N TYR I 9 -22.67 4.61 14.16
CA TYR I 9 -22.20 5.74 13.37
C TYR I 9 -20.83 6.21 13.85
N ILE I 10 -20.64 6.29 15.17
CA ILE I 10 -19.35 6.75 15.72
C ILE I 10 -18.25 5.73 15.51
N GLY I 11 -18.59 4.48 15.23
CA GLY I 11 -17.57 3.51 14.88
C GLY I 11 -17.10 3.76 13.46
N ALA I 12 -18.07 3.93 12.55
CA ALA I 12 -17.75 4.06 11.15
C ALA I 12 -17.07 5.37 10.83
N GLY I 13 -17.15 6.34 11.73
CA GLY I 13 -16.31 7.52 11.61
C GLY I 13 -14.90 7.24 12.08
N ILE I 14 -14.75 6.68 13.29
CA ILE I 14 -13.43 6.45 13.85
C ILE I 14 -12.71 5.29 13.17
N SER I 15 -13.42 4.48 12.39
CA SER I 15 -12.76 3.35 11.76
C SER I 15 -11.94 3.74 10.55
N THR I 16 -12.38 4.75 9.80
CA THR I 16 -11.81 5.02 8.49
C THR I 16 -10.68 6.02 8.57
N ILE I 17 -9.94 6.04 9.68
CA ILE I 17 -8.75 6.86 9.79
C ILE I 17 -7.49 6.02 9.80
N GLY I 18 -7.62 4.70 9.78
CA GLY I 18 -6.47 3.83 9.69
C GLY I 18 -5.92 3.78 8.29
N LEU I 19 -6.66 4.34 7.33
CA LEU I 19 -6.16 4.47 5.97
C LEU I 19 -5.65 5.86 5.67
N LEU I 20 -5.22 6.61 6.70
CA LEU I 20 -4.26 7.66 6.42
C LEU I 20 -2.94 7.05 5.97
N GLY I 21 -2.63 5.84 6.44
CA GLY I 21 -1.48 5.12 5.94
C GLY I 21 -1.67 4.59 4.54
N ALA I 22 -2.89 4.59 4.03
CA ALA I 22 -3.09 4.23 2.64
C ALA I 22 -2.65 5.32 1.69
N GLY I 23 -2.73 6.58 2.10
CA GLY I 23 -2.20 7.64 1.28
C GLY I 23 -0.69 7.59 1.21
N ILE I 24 -0.03 7.76 2.35
CA ILE I 24 1.42 7.75 2.40
C ILE I 24 2.03 6.39 2.06
N GLY I 25 1.29 5.31 2.26
CA GLY I 25 1.73 4.03 1.75
C GLY I 25 1.77 4.00 0.24
N ILE I 26 0.83 4.70 -0.40
CA ILE I 26 0.80 4.80 -1.85
C ILE I 26 1.65 5.97 -2.33
N ALA I 27 2.50 6.51 -1.47
CA ALA I 27 3.34 7.66 -1.78
C ALA I 27 4.81 7.32 -1.88
N ILE I 28 5.39 6.69 -0.87
CA ILE I 28 6.81 6.35 -0.93
C ILE I 28 7.13 5.28 -1.94
N VAL I 29 6.11 4.59 -2.47
CA VAL I 29 6.29 3.78 -3.66
C VAL I 29 6.24 4.59 -4.94
N PHE I 30 6.16 5.91 -4.86
CA PHE I 30 6.49 6.76 -5.98
C PHE I 30 7.64 7.71 -5.70
N ALA I 31 7.84 8.08 -4.45
CA ALA I 31 8.99 8.89 -4.11
C ALA I 31 10.28 8.10 -4.22
N ALA I 32 10.25 6.79 -3.97
CA ALA I 32 11.39 5.94 -4.22
C ALA I 32 11.42 5.41 -5.64
N LEU I 33 10.46 5.81 -6.47
CA LEU I 33 10.47 5.42 -7.86
C LEU I 33 11.36 6.35 -8.69
N ILE I 34 11.14 7.66 -8.60
CA ILE I 34 11.86 8.57 -9.47
C ILE I 34 13.25 8.87 -8.97
N ASN I 35 13.60 8.45 -7.75
CA ASN I 35 15.02 8.35 -7.43
C ASN I 35 15.68 7.26 -8.26
N GLY I 36 14.94 6.21 -8.60
CA GLY I 36 15.46 5.23 -9.54
C GLY I 36 15.51 5.74 -10.96
N VAL I 37 14.50 6.51 -11.38
CA VAL I 37 14.48 7.01 -12.74
C VAL I 37 15.52 8.12 -12.93
N SER I 38 15.80 8.89 -11.88
CA SER I 38 16.85 9.90 -12.00
C SER I 38 18.23 9.27 -11.96
N ARG I 39 18.42 8.19 -11.20
CA ARG I 39 19.73 7.59 -11.09
C ARG I 39 20.01 6.53 -12.15
N ASN I 40 18.99 6.09 -12.90
CA ASN I 40 19.18 5.17 -14.01
C ASN I 40 17.99 5.32 -14.93
N PRO I 41 18.05 6.27 -15.89
CA PRO I 41 16.87 6.52 -16.74
C PRO I 41 16.58 5.44 -17.75
N SER I 42 17.42 4.40 -17.86
CA SER I 42 17.18 3.30 -18.77
C SER I 42 16.69 2.05 -18.04
N ILE I 43 16.14 2.21 -16.84
CA ILE I 43 15.60 1.10 -16.07
C ILE I 43 14.09 1.22 -15.86
N LYS I 44 13.47 2.29 -16.37
CA LYS I 44 12.04 2.54 -16.21
C LYS I 44 11.17 1.48 -16.85
N ASP I 45 11.69 0.72 -17.80
CA ASP I 45 10.89 -0.32 -18.43
C ASP I 45 10.67 -1.51 -17.51
N THR I 46 11.59 -1.76 -16.57
CA THR I 46 11.46 -2.91 -15.69
C THR I 46 11.22 -2.57 -14.24
N VAL I 47 11.45 -1.34 -13.82
CA VAL I 47 11.23 -1.00 -12.42
C VAL I 47 9.79 -0.59 -12.17
N PHE I 48 9.07 -0.16 -13.20
CA PHE I 48 7.65 0.16 -13.12
C PHE I 48 6.77 -1.02 -12.71
N PRO I 49 7.00 -2.27 -13.15
CA PRO I 49 6.17 -3.35 -12.59
C PRO I 49 6.52 -3.73 -11.18
N MET I 50 7.69 -3.37 -10.68
CA MET I 50 8.00 -3.71 -9.30
C MET I 50 7.22 -2.83 -8.32
N ALA I 51 6.85 -1.63 -8.73
CA ALA I 51 6.08 -0.75 -7.87
C ALA I 51 4.60 -0.74 -8.21
N ILE I 52 4.22 -1.17 -9.42
CA ILE I 52 2.80 -1.23 -9.72
C ILE I 52 2.14 -2.42 -9.04
N LEU I 53 2.90 -3.46 -8.71
CA LEU I 53 2.44 -4.44 -7.73
C LEU I 53 2.87 -4.05 -6.34
N GLY I 54 3.68 -3.00 -6.22
CA GLY I 54 4.07 -2.54 -4.91
C GLY I 54 2.92 -1.93 -4.15
N PHE I 55 2.27 -0.94 -4.74
CA PHE I 55 1.23 -0.19 -4.03
C PHE I 55 -0.10 -0.90 -4.02
N ALA I 56 -0.36 -1.79 -4.98
CA ALA I 56 -1.63 -2.51 -5.00
C ALA I 56 -1.72 -3.46 -3.82
N LEU I 57 -0.59 -3.99 -3.37
CA LEU I 57 -0.56 -4.65 -2.08
C LEU I 57 -0.74 -3.68 -0.94
N SER I 58 -0.24 -2.45 -1.07
CA SER I 58 -0.33 -1.52 0.04
C SER I 58 -1.71 -0.89 0.18
N GLU I 59 -2.20 -0.22 -0.86
CA GLU I 59 -3.41 0.58 -0.69
C GLU I 59 -4.66 -0.27 -0.61
N ALA I 60 -4.58 -1.54 -0.97
CA ALA I 60 -5.69 -2.44 -0.67
C ALA I 60 -5.64 -2.89 0.79
N THR I 61 -4.45 -3.01 1.35
CA THR I 61 -4.35 -3.36 2.77
C THR I 61 -4.79 -2.21 3.65
N GLY I 62 -4.58 -0.98 3.20
CA GLY I 62 -5.23 0.15 3.85
C GLY I 62 -6.71 0.20 3.56
N LEU I 63 -7.16 -0.45 2.49
CA LEU I 63 -8.57 -0.46 2.13
C LEU I 63 -9.35 -1.52 2.89
N PHE I 64 -8.68 -2.33 3.71
CA PHE I 64 -9.35 -3.20 4.66
C PHE I 64 -10.20 -2.44 5.66
N CYS I 65 -9.88 -1.15 5.88
CA CYS I 65 -10.59 -0.35 6.88
C CYS I 65 -12.04 -0.15 6.51
N LEU I 66 -12.31 0.45 5.36
CA LEU I 66 -13.69 0.76 5.01
C LEU I 66 -14.50 -0.48 4.64
N MET I 67 -13.83 -1.61 4.40
CA MET I 67 -14.56 -2.87 4.33
C MET I 67 -15.13 -3.26 5.68
N VAL I 68 -14.52 -2.80 6.77
CA VAL I 68 -15.11 -3.01 8.08
C VAL I 68 -16.17 -1.96 8.37
N SER I 69 -15.90 -0.70 8.02
CA SER I 69 -16.81 0.38 8.38
C SER I 69 -18.11 0.33 7.58
N PHE I 70 -18.08 -0.22 6.37
CA PHE I 70 -19.31 -0.36 5.62
C PHE I 70 -20.19 -1.45 6.20
N LEU I 71 -19.61 -2.45 6.86
CA LEU I 71 -20.41 -3.37 7.65
C LEU I 71 -21.04 -2.65 8.83
N LEU I 72 -20.36 -1.65 9.37
CA LEU I 72 -20.89 -0.91 10.49
C LEU I 72 -21.59 0.36 10.04
N LEU I 73 -21.72 0.56 8.74
CA LEU I 73 -22.62 1.58 8.22
C LEU I 73 -23.90 0.96 7.67
N PHE I 74 -23.80 -0.19 7.03
CA PHE I 74 -24.95 -0.83 6.40
C PHE I 74 -25.20 -2.24 6.92
N FME J 1 -29.68 -3.79 28.87
CN FME J 1 -29.44 -3.17 30.07
O1 FME J 1 -29.00 -3.76 31.06
CA FME J 1 -29.46 -5.19 28.59
CB FME J 1 -30.76 -6.01 28.61
CG FME J 1 -30.89 -6.81 29.87
C FME J 1 -28.80 -5.41 27.23
O FME J 1 -27.74 -6.03 27.08
N GLN J 2 -29.46 -4.89 26.21
CA GLN J 2 -28.93 -4.95 24.85
C GLN J 2 -28.25 -3.64 24.51
N LEU J 3 -28.18 -2.75 25.49
CA LEU J 3 -27.50 -1.48 25.32
C LEU J 3 -25.99 -1.64 25.26
N VAL J 4 -25.46 -2.80 25.68
CA VAL J 4 -24.02 -3.07 25.57
C VAL J 4 -23.66 -3.76 24.26
N LEU J 5 -24.64 -4.09 23.42
CA LEU J 5 -24.33 -4.57 22.09
C LEU J 5 -23.69 -3.47 21.25
N ALA J 6 -23.95 -2.20 21.58
CA ALA J 6 -23.24 -1.10 20.95
C ALA J 6 -21.76 -1.10 21.33
N ALA J 7 -21.44 -1.49 22.55
CA ALA J 7 -20.05 -1.59 23.00
C ALA J 7 -19.33 -2.77 22.40
N LYS J 8 -20.05 -3.68 21.74
CA LYS J 8 -19.40 -4.80 21.10
C LYS J 8 -18.68 -4.37 19.82
N TYR J 9 -19.24 -3.43 19.06
CA TYR J 9 -18.63 -3.08 17.79
C TYR J 9 -17.92 -1.73 17.78
N ILE J 10 -18.20 -0.84 18.74
CA ILE J 10 -17.34 0.34 18.87
C ILE J 10 -15.98 -0.08 19.41
N GLY J 11 -15.93 -1.17 20.17
CA GLY J 11 -14.66 -1.80 20.46
C GLY J 11 -14.10 -2.52 19.26
N ALA J 12 -14.94 -2.88 18.30
CA ALA J 12 -14.45 -3.48 17.06
C ALA J 12 -14.18 -2.44 16.00
N GLY J 13 -14.92 -1.33 16.02
CA GLY J 13 -14.75 -0.30 15.02
C GLY J 13 -13.42 0.42 15.12
N ILE J 14 -12.91 0.57 16.34
CA ILE J 14 -11.61 1.22 16.52
C ILE J 14 -10.46 0.29 16.21
N SER J 15 -10.71 -0.98 15.95
CA SER J 15 -9.61 -1.91 15.74
C SER J 15 -9.06 -1.90 14.33
N THR J 16 -9.63 -1.10 13.44
CA THR J 16 -9.08 -0.90 12.12
C THR J 16 -7.96 0.12 12.09
N ILE J 17 -7.73 0.84 13.20
CA ILE J 17 -6.64 1.80 13.24
C ILE J 17 -5.29 1.11 13.35
N GLY J 18 -5.26 -0.18 13.64
CA GLY J 18 -4.04 -0.95 13.66
C GLY J 18 -3.57 -1.46 12.32
N LEU J 19 -4.06 -0.89 11.22
CA LEU J 19 -3.68 -1.36 9.90
C LEU J 19 -2.57 -0.55 9.27
N LEU J 20 -2.09 0.51 9.92
CA LEU J 20 -0.94 1.22 9.39
C LEU J 20 0.35 0.45 9.59
N GLY J 21 0.34 -0.57 10.46
CA GLY J 21 1.46 -1.49 10.52
C GLY J 21 1.64 -2.29 9.25
N ALA J 22 0.59 -2.42 8.46
CA ALA J 22 0.70 -2.89 7.08
C ALA J 22 0.48 -1.79 6.08
N GLY J 23 0.03 -0.62 6.51
CA GLY J 23 -0.13 0.51 5.61
C GLY J 23 1.22 1.07 5.21
N ILE J 24 2.14 1.12 6.16
CA ILE J 24 3.50 1.52 5.88
C ILE J 24 4.42 0.31 5.88
N GLY J 25 3.97 -0.79 6.49
CA GLY J 25 4.81 -1.96 6.65
C GLY J 25 5.20 -2.65 5.36
N ILE J 26 4.44 -2.44 4.28
CA ILE J 26 4.82 -2.92 2.96
C ILE J 26 5.05 -1.79 1.99
N ALA J 27 4.87 -0.55 2.40
CA ALA J 27 5.22 0.56 1.53
C ALA J 27 6.73 0.68 1.41
N ILE J 28 7.42 0.76 2.56
CA ILE J 28 8.84 1.06 2.53
C ILE J 28 9.68 -0.13 2.08
N VAL J 29 9.17 -1.37 2.19
CA VAL J 29 9.94 -2.51 1.72
C VAL J 29 9.97 -2.51 0.21
N PHE J 30 8.83 -2.26 -0.40
CA PHE J 30 8.79 -2.00 -1.83
C PHE J 30 9.50 -0.70 -2.18
N ALA J 31 9.46 0.30 -1.30
CA ALA J 31 10.28 1.48 -1.52
C ALA J 31 11.75 1.21 -1.25
N ALA J 32 12.08 0.13 -0.53
CA ALA J 32 13.46 -0.30 -0.47
C ALA J 32 13.81 -1.26 -1.58
N LEU J 33 12.82 -1.76 -2.30
CA LEU J 33 13.11 -2.59 -3.46
C LEU J 33 13.40 -1.76 -4.68
N ILE J 34 12.49 -0.86 -5.01
CA ILE J 34 12.52 -0.22 -6.32
C ILE J 34 13.63 0.80 -6.45
N ASN J 35 14.26 1.21 -5.35
CA ASN J 35 15.55 1.86 -5.50
C ASN J 35 16.70 0.87 -5.43
N GLY J 36 16.54 -0.22 -4.69
CA GLY J 36 17.62 -1.18 -4.52
C GLY J 36 17.92 -1.97 -5.77
N VAL J 37 16.98 -2.00 -6.72
CA VAL J 37 17.28 -2.58 -8.02
C VAL J 37 17.84 -1.53 -8.97
N SER J 38 17.55 -0.24 -8.74
CA SER J 38 18.03 0.76 -9.68
C SER J 38 19.50 1.05 -9.47
N ARG J 39 20.01 0.81 -8.28
CA ARG J 39 21.42 1.00 -8.02
C ARG J 39 22.27 -0.04 -8.73
N ASN J 40 21.77 -1.24 -8.90
CA ASN J 40 22.41 -2.26 -9.74
C ASN J 40 21.35 -3.21 -10.28
N PRO J 41 21.16 -3.25 -11.58
CA PRO J 41 19.97 -3.92 -12.13
C PRO J 41 19.99 -5.43 -12.06
N SER J 42 21.14 -6.08 -12.21
CA SER J 42 21.11 -7.54 -12.37
C SER J 42 21.15 -8.28 -11.04
N ILE J 43 20.35 -7.84 -10.07
CA ILE J 43 20.04 -8.60 -8.87
C ILE J 43 18.53 -8.49 -8.74
N LYS J 44 17.83 -8.45 -9.87
CA LYS J 44 16.37 -8.42 -9.83
C LYS J 44 15.80 -9.72 -9.29
N ASP J 45 16.32 -10.85 -9.77
CA ASP J 45 15.78 -12.16 -9.42
C ASP J 45 16.48 -12.81 -8.24
N THR J 46 17.00 -12.02 -7.30
CA THR J 46 17.51 -12.57 -6.05
C THR J 46 16.90 -11.88 -4.84
N VAL J 47 16.68 -10.57 -4.93
CA VAL J 47 16.02 -9.83 -3.87
C VAL J 47 14.51 -9.90 -3.96
N PHE J 48 13.97 -10.41 -5.04
CA PHE J 48 12.53 -10.47 -5.21
C PHE J 48 11.89 -11.67 -4.50
N PRO J 49 12.51 -12.86 -4.41
CA PRO J 49 12.06 -13.81 -3.38
C PRO J 49 12.43 -13.40 -1.99
N MET J 50 13.38 -12.48 -1.82
CA MET J 50 13.63 -11.94 -0.49
C MET J 50 12.49 -11.01 -0.08
N ALA J 51 11.89 -10.30 -1.02
CA ALA J 51 10.87 -9.34 -0.69
C ALA J 51 9.54 -9.98 -0.35
N ILE J 52 9.11 -11.01 -1.08
CA ILE J 52 7.85 -11.67 -0.79
C ILE J 52 7.93 -12.40 0.55
N LEU J 53 9.10 -12.94 0.88
CA LEU J 53 9.32 -13.48 2.22
C LEU J 53 9.29 -12.38 3.28
N GLY J 54 9.62 -11.15 2.89
CA GLY J 54 9.44 -10.02 3.79
C GLY J 54 8.10 -9.33 3.66
N PHE J 55 7.40 -9.53 2.55
CA PHE J 55 6.08 -8.94 2.39
C PHE J 55 5.05 -9.66 3.24
N ALA J 56 4.97 -10.98 3.09
CA ALA J 56 3.93 -11.76 3.75
C ALA J 56 4.12 -11.84 5.25
N LEU J 57 5.34 -11.70 5.74
CA LEU J 57 5.54 -11.64 7.19
C LEU J 57 5.23 -10.27 7.77
N SER J 58 4.79 -9.32 6.95
CA SER J 58 4.54 -7.96 7.40
C SER J 58 3.08 -7.55 7.27
N GLU J 59 2.44 -7.83 6.15
CA GLU J 59 1.05 -7.41 6.04
C GLU J 59 0.11 -8.45 6.63
N ALA J 60 0.47 -9.72 6.59
CA ALA J 60 -0.34 -10.70 7.28
C ALA J 60 -0.14 -10.60 8.79
N THR J 61 1.04 -10.15 9.21
CA THR J 61 1.24 -9.76 10.60
C THR J 61 0.52 -8.45 10.93
N GLY J 62 0.17 -7.67 9.91
CA GLY J 62 -0.72 -6.55 10.13
C GLY J 62 -2.15 -6.87 9.71
N LEU J 63 -2.40 -8.08 9.23
CA LEU J 63 -3.76 -8.47 8.87
C LEU J 63 -4.63 -8.82 10.06
N PHE J 64 -4.09 -9.42 11.12
CA PHE J 64 -4.97 -9.88 12.18
C PHE J 64 -5.33 -8.78 13.18
N CYS J 65 -5.38 -7.51 12.75
CA CYS J 65 -6.40 -6.61 13.24
C CYS J 65 -7.76 -6.87 12.62
N LEU J 66 -7.82 -7.62 11.52
CA LEU J 66 -9.12 -7.98 10.98
C LEU J 66 -9.80 -9.04 11.82
N MET J 67 -9.04 -9.96 12.43
CA MET J 67 -9.68 -11.03 13.17
C MET J 67 -10.28 -10.56 14.48
N VAL J 68 -9.73 -9.51 15.09
CA VAL J 68 -10.28 -9.03 16.35
C VAL J 68 -11.55 -8.23 16.10
N SER J 69 -11.75 -7.79 14.86
CA SER J 69 -13.02 -7.20 14.51
C SER J 69 -14.06 -8.28 14.23
N PHE J 70 -13.68 -9.32 13.49
CA PHE J 70 -14.66 -10.26 12.97
C PHE J 70 -15.18 -11.18 14.06
N LEU J 71 -14.33 -11.62 14.99
CA LEU J 71 -14.87 -12.37 16.10
C LEU J 71 -15.59 -11.46 17.09
N LEU J 72 -15.35 -10.15 17.01
CA LEU J 72 -16.20 -9.20 17.72
C LEU J 72 -17.46 -8.85 16.95
N LEU J 73 -17.39 -8.86 15.61
CA LEU J 73 -18.62 -8.69 14.87
C LEU J 73 -19.49 -9.94 14.90
N PHE J 74 -18.91 -11.11 15.07
CA PHE J 74 -19.67 -12.34 15.05
C PHE J 74 -19.30 -13.24 16.21
N PHE K 7 -28.79 -18.34 5.72
CA PHE K 7 -28.40 -17.68 4.49
C PHE K 7 -28.19 -18.67 3.36
N TYR K 8 -27.65 -18.16 2.25
CA TYR K 8 -27.55 -18.90 0.99
C TYR K 8 -26.16 -18.78 0.40
N PHE K 9 -25.13 -19.02 1.22
CA PHE K 9 -23.76 -19.03 0.75
C PHE K 9 -23.48 -20.18 -0.19
N MET K 10 -24.17 -21.31 -0.01
CA MET K 10 -23.93 -22.53 -0.76
C MET K 10 -24.26 -22.41 -2.24
N ASN K 11 -25.21 -21.55 -2.60
CA ASN K 11 -25.92 -21.70 -3.86
C ASN K 11 -25.08 -21.29 -5.06
N GLN K 12 -24.40 -20.14 -4.98
CA GLN K 12 -23.52 -19.76 -6.08
C GLN K 12 -22.23 -20.57 -6.12
N LEU K 13 -21.75 -21.01 -4.97
CA LEU K 13 -20.53 -21.80 -4.87
C LEU K 13 -20.63 -23.17 -5.54
N THR K 14 -21.86 -23.67 -5.72
CA THR K 14 -22.07 -24.98 -6.36
C THR K 14 -21.57 -25.00 -7.80
N TYR K 15 -21.81 -23.93 -8.53
CA TYR K 15 -21.22 -23.77 -9.85
C TYR K 15 -20.14 -22.70 -9.86
N GLY K 16 -19.74 -22.21 -8.70
CA GLY K 16 -18.71 -21.20 -8.62
C GLY K 16 -17.36 -21.75 -9.02
N PHE K 17 -16.79 -22.63 -8.21
CA PHE K 17 -15.55 -23.26 -8.60
C PHE K 17 -15.78 -24.43 -9.55
N LEU K 18 -17.04 -24.84 -9.76
CA LEU K 18 -17.33 -25.77 -10.85
C LEU K 18 -17.14 -25.09 -12.19
N LEU K 19 -17.34 -23.78 -12.27
CA LEU K 19 -17.00 -23.01 -13.45
C LEU K 19 -15.50 -23.01 -13.71
N MET K 20 -14.69 -23.14 -12.66
CA MET K 20 -13.24 -23.13 -12.81
C MET K 20 -12.73 -24.38 -13.49
N ILE K 21 -13.21 -25.55 -13.06
CA ILE K 21 -12.66 -26.80 -13.56
C ILE K 21 -13.12 -27.11 -14.97
N THR K 22 -14.13 -26.42 -15.48
CA THR K 22 -14.45 -26.55 -16.90
C THR K 22 -13.77 -25.48 -17.74
N LEU K 23 -13.43 -24.33 -17.16
CA LEU K 23 -12.77 -23.28 -17.91
C LEU K 23 -11.28 -23.51 -18.03
N LEU K 24 -10.67 -24.18 -17.05
CA LEU K 24 -9.26 -24.56 -17.15
C LEU K 24 -9.04 -25.50 -18.32
N ILE K 25 -9.94 -26.46 -18.50
CA ILE K 25 -9.83 -27.45 -19.57
C ILE K 25 -10.03 -26.80 -20.93
N LEU K 26 -10.82 -25.74 -21.00
CA LEU K 26 -10.87 -24.98 -22.23
C LEU K 26 -9.56 -24.26 -22.49
N PHE K 27 -8.85 -23.85 -21.44
CA PHE K 27 -7.51 -23.31 -21.66
C PHE K 27 -6.49 -24.42 -21.84
N SER K 28 -6.34 -25.29 -20.83
CA SER K 28 -5.23 -26.22 -20.76
C SER K 28 -5.22 -27.24 -21.89
N GLN K 29 -6.34 -27.43 -22.57
CA GLN K 29 -6.47 -28.40 -23.63
C GLN K 29 -6.89 -27.79 -24.96
N PHE K 30 -7.60 -26.67 -24.96
CA PHE K 30 -8.09 -26.15 -26.23
C PHE K 30 -7.59 -24.77 -26.60
N PHE K 31 -7.84 -23.76 -25.76
CA PHE K 31 -7.64 -22.39 -26.19
C PHE K 31 -6.25 -21.83 -25.93
N LEU K 32 -5.59 -22.28 -24.89
CA LEU K 32 -4.21 -21.84 -24.74
C LEU K 32 -3.26 -22.45 -25.79
N PRO K 33 -3.18 -23.76 -26.06
CA PRO K 33 -2.11 -24.23 -26.94
C PRO K 33 -2.35 -23.96 -28.41
N MET K 34 -3.48 -23.36 -28.79
CA MET K 34 -3.69 -23.06 -30.20
C MET K 34 -2.79 -21.96 -30.70
N ILE K 35 -2.23 -21.14 -29.80
CA ILE K 35 -1.28 -20.14 -30.22
C ILE K 35 0.15 -20.66 -30.17
N LEU K 36 0.41 -21.76 -29.47
CA LEU K 36 1.75 -22.31 -29.50
C LEU K 36 2.09 -22.93 -30.84
N ARG K 37 1.11 -23.55 -31.51
CA ARG K 37 1.31 -23.93 -32.89
C ARG K 37 1.54 -22.71 -33.76
N LEU K 38 0.88 -21.60 -33.42
CA LEU K 38 1.12 -20.35 -34.12
C LEU K 38 2.50 -19.80 -33.82
N TYR K 39 3.12 -20.18 -32.71
CA TYR K 39 4.51 -19.79 -32.53
C TYR K 39 5.47 -20.69 -33.31
N VAL K 40 5.30 -22.01 -33.23
CA VAL K 40 6.30 -22.88 -33.84
C VAL K 40 6.20 -22.89 -35.35
N SER K 41 5.04 -22.52 -35.90
CA SER K 41 4.96 -22.29 -37.33
C SER K 41 5.78 -21.07 -37.72
N ARG K 42 5.93 -20.11 -36.81
CA ARG K 42 6.86 -19.01 -37.05
C ARG K 42 8.30 -19.42 -36.80
N LEU K 43 8.54 -20.59 -36.19
CA LEU K 43 9.90 -21.12 -36.12
C LEU K 43 10.25 -21.94 -37.35
N PHE K 44 9.34 -22.77 -37.85
CA PHE K 44 9.65 -23.54 -39.04
C PHE K 44 9.54 -22.72 -40.31
N ILE K 45 9.10 -21.46 -40.20
CA ILE K 45 9.38 -20.50 -41.26
C ILE K 45 10.62 -19.68 -40.94
N SER K 46 11.12 -19.73 -39.70
CA SER K 46 12.34 -19.02 -39.39
C SER K 46 13.56 -19.79 -39.87
N LYS K 47 13.74 -21.01 -39.37
CA LYS K 47 14.85 -21.85 -39.79
C LYS K 47 14.57 -22.58 -41.09
N LEU K 48 13.33 -22.50 -41.59
CA LEU K 48 12.85 -23.12 -42.82
C LEU K 48 13.10 -24.63 -42.89
N LEU L 26 -36.34 -19.73 -9.69
CA LEU L 26 -35.14 -20.43 -10.15
C LEU L 26 -33.89 -19.70 -9.67
N THR L 27 -32.81 -19.89 -10.42
CA THR L 27 -31.51 -19.33 -10.06
C THR L 27 -31.49 -17.85 -10.40
N THR L 28 -31.46 -16.99 -9.38
CA THR L 28 -31.48 -15.55 -9.57
C THR L 28 -30.13 -14.90 -9.25
N PHE L 29 -29.03 -15.65 -9.30
CA PHE L 29 -27.73 -15.04 -9.05
C PHE L 29 -26.60 -15.56 -9.92
N SER L 30 -26.88 -16.48 -10.85
CA SER L 30 -25.88 -16.98 -11.80
C SER L 30 -26.18 -16.52 -13.21
N LEU L 31 -26.70 -15.30 -13.32
CA LEU L 31 -27.22 -14.79 -14.59
C LEU L 31 -26.10 -14.58 -15.59
N TYR L 32 -24.98 -14.05 -15.14
CA TYR L 32 -23.88 -13.69 -16.04
C TYR L 32 -22.61 -14.49 -15.77
N THR L 33 -22.68 -15.56 -14.98
CA THR L 33 -21.53 -16.42 -14.83
C THR L 33 -21.26 -17.23 -16.09
N ILE L 34 -22.29 -17.57 -16.85
CA ILE L 34 -22.07 -18.26 -18.11
C ILE L 34 -21.61 -17.32 -19.22
N ILE L 35 -21.70 -16.01 -19.01
CA ILE L 35 -21.07 -15.06 -19.91
C ILE L 35 -19.55 -15.11 -19.77
N VAL L 36 -19.05 -15.43 -18.58
CA VAL L 36 -17.62 -15.32 -18.28
C VAL L 36 -16.82 -16.33 -19.09
N LEU L 37 -17.37 -17.52 -19.30
CA LEU L 37 -16.71 -18.41 -20.23
C LEU L 37 -17.23 -18.25 -21.65
N LEU L 38 -18.32 -17.52 -21.85
CA LEU L 38 -18.79 -17.25 -23.21
C LEU L 38 -17.86 -16.30 -23.94
N VAL L 39 -17.17 -15.42 -23.23
CA VAL L 39 -16.25 -14.51 -23.88
C VAL L 39 -14.97 -15.21 -24.30
N ILE L 40 -14.70 -16.41 -23.78
CA ILE L 40 -13.46 -17.11 -24.07
C ILE L 40 -13.67 -18.50 -24.65
N THR L 41 -14.88 -19.05 -24.60
CA THR L 41 -15.21 -20.11 -25.53
C THR L 41 -15.51 -19.56 -26.92
N SER L 42 -15.68 -18.25 -27.04
CA SER L 42 -15.89 -17.61 -28.32
C SER L 42 -14.86 -16.51 -28.51
N LEU L 43 -13.76 -16.59 -27.76
CA LEU L 43 -12.61 -15.78 -28.07
C LEU L 43 -11.92 -16.24 -29.33
N TYR L 44 -11.91 -17.55 -29.61
CA TYR L 44 -11.36 -18.03 -30.87
C TYR L 44 -12.18 -17.60 -32.07
N THR L 45 -13.47 -17.33 -31.89
CA THR L 45 -14.34 -16.88 -32.95
C THR L 45 -13.96 -15.54 -33.52
N LEU L 46 -13.36 -14.67 -32.71
CA LEU L 46 -13.10 -13.35 -33.24
C LEU L 46 -11.62 -12.99 -33.21
N THR L 47 -10.84 -13.63 -32.36
CA THR L 47 -9.40 -13.35 -32.39
C THR L 47 -8.71 -14.08 -33.53
N ASN L 48 -8.88 -15.40 -33.62
CA ASN L 48 -8.15 -16.17 -34.61
C ASN L 48 -8.82 -16.03 -35.96
N ASN L 49 -8.25 -15.22 -36.84
CA ASN L 49 -8.84 -14.94 -38.14
C ASN L 49 -8.60 -16.13 -39.06
N ASN L 50 -9.39 -17.19 -38.84
CA ASN L 50 -9.27 -18.53 -39.45
C ASN L 50 -7.81 -18.95 -39.64
N ASN L 51 -7.06 -18.88 -38.54
CA ASN L 51 -5.75 -19.49 -38.36
C ASN L 51 -4.68 -18.88 -39.27
N LYS L 52 -4.75 -17.56 -39.45
CA LYS L 52 -3.66 -16.83 -40.09
C LYS L 52 -2.46 -16.80 -39.16
N ILE L 53 -1.25 -16.87 -39.75
CA ILE L 53 -0.03 -16.76 -38.96
C ILE L 53 0.30 -15.31 -38.63
N ILE L 54 -0.39 -14.35 -39.26
CA ILE L 54 -0.04 -12.93 -39.09
C ILE L 54 -0.50 -12.42 -37.74
N GLY L 55 -1.70 -12.82 -37.31
CA GLY L 55 -2.17 -12.43 -35.99
C GLY L 55 -2.58 -10.97 -35.87
N SER L 56 -3.72 -10.60 -36.43
CA SER L 56 -4.13 -9.20 -36.55
C SER L 56 -4.46 -8.57 -35.19
N ARG L 57 -4.86 -7.30 -35.22
CA ARG L 57 -4.87 -6.42 -34.06
C ARG L 57 -5.79 -6.90 -32.94
N TRP L 58 -6.90 -7.54 -33.26
CA TRP L 58 -7.74 -8.06 -32.20
C TRP L 58 -7.30 -9.43 -31.73
N LEU L 59 -6.20 -9.96 -32.26
CA LEU L 59 -5.58 -11.18 -31.76
C LEU L 59 -4.26 -10.93 -31.06
N ILE L 60 -3.49 -9.95 -31.50
CA ILE L 60 -2.14 -9.74 -30.98
C ILE L 60 -2.13 -9.29 -29.54
N SER L 61 -3.24 -8.77 -29.02
CA SER L 61 -3.34 -8.57 -27.59
C SER L 61 -3.41 -9.87 -26.83
N GLN L 62 -4.05 -10.88 -27.41
CA GLN L 62 -4.17 -12.15 -26.72
C GLN L 62 -2.83 -12.86 -26.63
N GLU L 63 -1.96 -12.66 -27.62
CA GLU L 63 -0.60 -13.14 -27.40
C GLU L 63 0.24 -12.15 -26.64
N ALA L 64 -0.16 -10.88 -26.59
CA ALA L 64 0.52 -9.95 -25.69
C ALA L 64 0.21 -10.29 -24.24
N ILE L 65 -1.05 -10.60 -23.95
CA ILE L 65 -1.42 -11.03 -22.61
C ILE L 65 -0.92 -12.44 -22.33
N TYR L 66 -0.53 -13.19 -23.36
CA TYR L 66 -0.03 -14.54 -23.13
C TYR L 66 1.40 -14.53 -22.60
N ASP L 67 2.26 -13.70 -23.18
CA ASP L 67 3.64 -13.69 -22.74
C ASP L 67 3.82 -12.93 -21.44
N THR L 68 2.85 -12.12 -21.03
CA THR L 68 2.94 -11.43 -19.76
C THR L 68 2.68 -12.33 -18.57
N ILE L 69 2.36 -13.59 -18.79
CA ILE L 69 2.35 -14.57 -17.72
C ILE L 69 3.46 -15.60 -17.93
N MET L 70 3.86 -15.79 -19.19
CA MET L 70 5.05 -16.55 -19.51
C MET L 70 6.32 -15.96 -18.90
N ASN L 71 6.43 -14.64 -18.82
CA ASN L 71 7.65 -14.06 -18.29
C ASN L 71 7.72 -14.19 -16.77
N MET L 72 6.64 -13.83 -16.07
CA MET L 72 6.70 -13.67 -14.64
C MET L 72 6.80 -15.00 -13.91
N THR L 73 6.09 -16.02 -14.36
CA THR L 73 6.27 -17.32 -13.74
C THR L 73 7.53 -18.02 -14.21
N LYS L 74 8.22 -17.50 -15.22
CA LYS L 74 9.53 -18.03 -15.53
C LYS L 74 10.57 -17.52 -14.53
N GLY L 75 10.55 -16.22 -14.27
CA GLY L 75 11.58 -15.59 -13.47
C GLY L 75 11.57 -15.88 -12.00
N GLN L 76 10.51 -16.53 -11.48
CA GLN L 76 10.45 -16.87 -10.08
C GLN L 76 10.05 -18.31 -9.82
N ILE L 77 10.03 -19.15 -10.85
CA ILE L 77 10.02 -20.59 -10.70
C ILE L 77 11.30 -21.21 -11.28
N GLY L 78 11.48 -21.10 -12.59
CA GLY L 78 12.78 -21.29 -13.23
C GLY L 78 13.32 -22.69 -13.32
N GLY L 79 12.83 -23.63 -12.52
CA GLY L 79 13.39 -24.97 -12.48
C GLY L 79 12.93 -25.80 -13.67
N LYS L 80 13.23 -27.10 -13.59
CA LYS L 80 12.85 -27.98 -14.68
C LYS L 80 11.35 -28.24 -14.66
N ASN L 81 10.80 -28.56 -13.49
CA ASN L 81 9.36 -28.77 -13.33
C ASN L 81 8.67 -27.41 -13.26
N TRP L 82 8.53 -26.79 -14.43
CA TRP L 82 8.17 -25.38 -14.46
C TRP L 82 6.80 -25.12 -15.05
N GLY L 83 6.56 -25.53 -16.29
CA GLY L 83 5.35 -25.18 -16.99
C GLY L 83 4.18 -26.11 -16.78
N LEU L 84 4.27 -26.99 -15.79
CA LEU L 84 3.20 -27.95 -15.56
C LEU L 84 2.00 -27.32 -14.89
N TYR L 85 2.21 -26.33 -14.03
CA TYR L 85 1.12 -25.60 -13.40
C TYR L 85 0.78 -24.32 -14.12
N PHE L 86 1.48 -24.04 -15.21
CA PHE L 86 1.26 -22.86 -16.04
C PHE L 86 -0.18 -22.67 -16.54
N PRO L 87 -0.94 -23.69 -16.95
CA PRO L 87 -2.33 -23.40 -17.31
C PRO L 87 -3.20 -23.01 -16.14
N MET L 88 -2.92 -23.51 -14.94
CA MET L 88 -3.75 -23.14 -13.80
C MET L 88 -3.49 -21.70 -13.38
N ILE L 89 -2.24 -21.25 -13.50
CA ILE L 89 -1.93 -19.88 -13.12
C ILE L 89 -2.29 -18.90 -14.24
N PHE L 90 -2.55 -19.41 -15.45
CA PHE L 90 -3.15 -18.57 -16.48
C PHE L 90 -4.65 -18.46 -16.28
N THR L 91 -5.31 -19.57 -16.00
CA THR L 91 -6.76 -19.55 -15.90
C THR L 91 -7.25 -18.94 -14.60
N LEU L 92 -6.37 -18.63 -13.66
CA LEU L 92 -6.73 -17.74 -12.56
C LEU L 92 -6.67 -16.29 -12.96
N PHE L 93 -5.77 -15.93 -13.87
CA PHE L 93 -5.66 -14.56 -14.34
C PHE L 93 -6.86 -14.14 -15.16
N MET L 94 -7.10 -14.82 -16.28
CA MET L 94 -8.20 -14.48 -17.17
C MET L 94 -9.57 -14.69 -16.56
N PHE L 95 -9.66 -15.44 -15.45
CA PHE L 95 -10.93 -15.56 -14.76
C PHE L 95 -11.26 -14.30 -13.99
N ILE L 96 -10.26 -13.68 -13.35
CA ILE L 96 -10.53 -12.47 -12.58
C ILE L 96 -10.09 -11.22 -13.30
N PHE L 97 -9.43 -11.37 -14.45
CA PHE L 97 -9.20 -10.20 -15.30
C PHE L 97 -10.50 -9.71 -15.90
N ILE L 98 -11.46 -10.61 -16.09
CA ILE L 98 -12.72 -10.23 -16.67
C ILE L 98 -13.74 -10.14 -15.53
N ALA L 99 -13.24 -9.92 -14.32
CA ALA L 99 -14.09 -9.39 -13.26
C ALA L 99 -14.37 -7.91 -13.44
N ASN L 100 -13.58 -7.22 -14.26
CA ASN L 100 -13.74 -5.79 -14.50
C ASN L 100 -14.98 -5.48 -15.30
N LEU L 101 -15.53 -6.47 -16.02
CA LEU L 101 -16.76 -6.29 -16.78
C LEU L 101 -17.92 -5.92 -15.88
N ILE L 102 -18.01 -6.50 -14.69
CA ILE L 102 -19.16 -6.26 -13.84
C ILE L 102 -18.95 -4.99 -13.02
N SER L 103 -17.72 -4.49 -12.96
CA SER L 103 -17.44 -3.27 -12.23
C SER L 103 -17.70 -2.03 -13.08
N MET L 104 -17.97 -2.20 -14.36
CA MET L 104 -18.31 -1.07 -15.20
C MET L 104 -19.73 -1.16 -15.76
N ILE L 105 -20.28 -2.36 -15.91
CA ILE L 105 -21.70 -2.47 -16.24
C ILE L 105 -22.46 -2.05 -14.99
N PRO L 106 -23.18 -0.92 -15.04
CA PRO L 106 -23.61 -0.27 -13.81
C PRO L 106 -24.79 -0.92 -13.14
N TYR L 107 -25.74 -1.44 -13.91
CA TYR L 107 -26.99 -1.93 -13.34
C TYR L 107 -26.88 -3.43 -13.06
N SER L 108 -25.99 -3.73 -12.11
CA SER L 108 -25.67 -5.12 -11.81
C SER L 108 -25.11 -5.21 -10.40
N PHE L 109 -25.58 -6.19 -9.64
CA PHE L 109 -24.95 -6.54 -8.37
C PHE L 109 -23.86 -7.56 -8.66
N ALA L 110 -22.63 -7.21 -8.31
CA ALA L 110 -21.44 -7.82 -8.93
C ALA L 110 -21.23 -9.26 -8.50
N LEU L 111 -20.30 -9.94 -9.18
CA LEU L 111 -19.89 -11.27 -8.74
C LEU L 111 -18.59 -11.26 -7.96
N SER L 112 -17.73 -10.26 -8.16
CA SER L 112 -16.60 -10.11 -7.26
C SER L 112 -17.00 -9.48 -5.95
N ALA L 113 -18.14 -8.78 -5.91
CA ALA L 113 -18.69 -8.35 -4.64
C ALA L 113 -19.22 -9.54 -3.84
N HIS L 114 -19.64 -10.59 -4.52
CA HIS L 114 -20.01 -11.84 -3.86
C HIS L 114 -18.73 -12.52 -3.42
N LEU L 115 -18.16 -12.04 -2.32
CA LEU L 115 -16.82 -12.40 -1.90
C LEU L 115 -16.77 -13.74 -1.21
N VAL L 116 -17.91 -14.37 -0.95
CA VAL L 116 -17.93 -15.70 -0.33
C VAL L 116 -17.31 -16.75 -1.25
N PHE L 117 -17.47 -16.60 -2.55
CA PHE L 117 -16.90 -17.52 -3.51
C PHE L 117 -15.41 -17.29 -3.72
N ILE L 118 -14.97 -16.03 -3.73
CA ILE L 118 -13.56 -15.72 -3.93
C ILE L 118 -12.73 -16.21 -2.77
N ILE L 119 -13.14 -15.87 -1.54
CA ILE L 119 -12.44 -16.31 -0.35
C ILE L 119 -12.52 -17.82 -0.14
N SER L 120 -13.46 -18.49 -0.79
CA SER L 120 -13.48 -19.95 -0.81
C SER L 120 -12.91 -20.51 -2.11
N LEU L 121 -12.71 -19.70 -3.14
CA LEU L 121 -11.80 -20.14 -4.19
C LEU L 121 -10.38 -20.08 -3.70
N SER L 122 -10.08 -19.17 -2.80
CA SER L 122 -8.73 -19.01 -2.30
C SER L 122 -8.38 -20.00 -1.21
N ILE L 123 -9.36 -20.68 -0.62
CA ILE L 123 -9.02 -21.66 0.39
C ILE L 123 -8.46 -22.92 -0.26
N VAL L 124 -8.81 -23.19 -1.52
CA VAL L 124 -8.30 -24.41 -2.15
C VAL L 124 -6.90 -24.20 -2.69
N ILE L 125 -6.52 -22.98 -3.01
CA ILE L 125 -5.18 -22.76 -3.52
C ILE L 125 -4.20 -22.59 -2.38
N TRP L 126 -4.71 -22.37 -1.16
CA TRP L 126 -3.83 -22.36 0.00
C TRP L 126 -3.46 -23.78 0.42
N LEU L 127 -4.46 -24.64 0.64
CA LEU L 127 -4.15 -25.99 1.06
C LEU L 127 -3.75 -26.88 -0.10
N GLY L 128 -4.12 -26.52 -1.33
CA GLY L 128 -3.82 -27.36 -2.48
C GLY L 128 -2.34 -27.46 -2.76
N ASN L 129 -1.57 -26.42 -2.42
CA ASN L 129 -0.12 -26.55 -2.50
C ASN L 129 0.43 -27.41 -1.38
N THR L 130 -0.18 -27.35 -0.20
CA THR L 130 0.28 -28.18 0.91
C THR L 130 -0.02 -29.64 0.66
N ILE L 131 -1.19 -29.94 0.10
CA ILE L 131 -1.46 -31.31 -0.31
C ILE L 131 -0.68 -31.66 -1.57
N LEU L 132 -0.25 -30.65 -2.35
CA LEU L 132 0.77 -30.95 -3.34
C LEU L 132 2.12 -31.17 -2.66
N GLY L 133 2.32 -30.60 -1.49
CA GLY L 133 3.53 -30.91 -0.75
C GLY L 133 3.50 -32.23 -0.02
N LEU L 134 2.34 -32.91 0.05
CA LEU L 134 2.28 -34.15 0.80
C LEU L 134 2.99 -35.28 0.08
N TYR L 135 2.50 -35.69 -1.08
CA TYR L 135 3.10 -36.85 -1.72
C TYR L 135 4.41 -36.51 -2.42
N LYS L 136 4.67 -35.23 -2.64
CA LYS L 136 5.93 -34.85 -3.26
C LYS L 136 7.01 -34.71 -2.21
N HIS L 137 6.70 -34.06 -1.08
CA HIS L 137 7.74 -33.77 -0.10
C HIS L 137 7.46 -34.43 1.25
N GLY L 138 6.29 -34.20 1.84
CA GLY L 138 5.93 -34.92 3.04
C GLY L 138 6.63 -34.47 4.31
N TRP L 139 7.49 -35.32 4.86
CA TRP L 139 8.12 -35.07 6.15
C TRP L 139 9.09 -33.89 6.13
N VAL L 140 9.63 -33.52 4.96
CA VAL L 140 10.55 -32.41 4.86
C VAL L 140 9.83 -31.07 4.83
N PHE L 141 8.51 -31.06 4.66
CA PHE L 141 7.71 -29.85 4.58
C PHE L 141 7.67 -29.04 5.88
N PHE L 142 8.20 -29.56 6.98
CA PHE L 142 8.39 -28.79 8.21
C PHE L 142 9.48 -27.72 8.08
N SER L 143 10.16 -27.63 6.94
CA SER L 143 11.29 -26.73 6.73
C SER L 143 10.85 -25.31 6.36
N LEU L 144 9.61 -24.94 6.68
CA LEU L 144 9.16 -23.56 6.61
C LEU L 144 9.58 -22.73 7.80
N PHE L 145 10.38 -23.29 8.72
CA PHE L 145 10.79 -22.55 9.91
C PHE L 145 11.71 -21.41 9.53
N VAL L 146 12.89 -21.71 9.03
CA VAL L 146 13.81 -20.69 8.54
C VAL L 146 14.66 -21.30 7.43
N PRO L 147 14.74 -20.66 6.27
CA PRO L 147 15.56 -21.22 5.19
C PRO L 147 17.04 -20.92 5.34
N ALA L 148 17.44 -20.35 6.48
CA ALA L 148 18.83 -20.07 6.78
C ALA L 148 19.17 -20.74 8.11
N GLY L 149 20.37 -20.45 8.62
CA GLY L 149 20.83 -21.09 9.83
C GLY L 149 20.12 -20.58 11.07
N THR L 150 20.11 -21.42 12.10
CA THR L 150 19.35 -21.11 13.29
C THR L 150 19.99 -21.76 14.51
N PRO L 151 20.05 -21.06 15.64
CA PRO L 151 20.39 -21.71 16.91
C PRO L 151 19.17 -22.35 17.56
N LEU L 152 19.37 -22.81 18.81
CA LEU L 152 18.28 -23.39 19.57
C LEU L 152 17.10 -22.44 19.82
N PRO L 153 17.25 -21.27 20.47
CA PRO L 153 16.05 -20.53 20.87
C PRO L 153 15.39 -19.76 19.74
N LEU L 154 16.00 -19.76 18.55
CA LEU L 154 15.46 -19.01 17.43
C LEU L 154 14.18 -19.65 16.93
N VAL L 155 14.27 -20.88 16.45
CA VAL L 155 13.19 -21.58 15.76
C VAL L 155 11.89 -21.79 16.54
N PRO L 156 11.84 -22.28 17.80
CA PRO L 156 10.56 -22.80 18.29
C PRO L 156 9.57 -21.72 18.71
N LEU L 157 9.94 -20.45 18.66
CA LEU L 157 9.03 -19.37 18.94
C LEU L 157 8.81 -18.45 17.75
N LEU L 158 9.59 -18.60 16.68
CA LEU L 158 9.30 -17.92 15.43
C LEU L 158 8.46 -18.77 14.50
N VAL L 159 8.40 -20.09 14.75
CA VAL L 159 7.64 -20.99 13.90
C VAL L 159 6.15 -20.66 13.95
N ILE L 160 5.68 -20.17 15.10
CA ILE L 160 4.31 -19.68 15.15
C ILE L 160 4.18 -18.32 14.50
N ILE L 161 5.28 -17.59 14.32
CA ILE L 161 5.18 -16.27 13.71
C ILE L 161 5.14 -16.38 12.20
N GLU L 162 5.77 -17.41 11.64
CA GLU L 162 5.74 -17.59 10.19
C GLU L 162 4.58 -18.45 9.73
N THR L 163 4.12 -19.39 10.56
CA THR L 163 2.88 -20.07 10.25
C THR L 163 1.67 -19.17 10.45
N LEU L 164 1.82 -18.08 11.19
CA LEU L 164 0.85 -17.00 11.15
C LEU L 164 0.74 -16.41 9.76
N SER L 165 1.81 -16.46 8.97
CA SER L 165 1.72 -16.18 7.55
C SER L 165 1.38 -17.41 6.73
N TYR L 166 0.90 -18.49 7.35
CA TYR L 166 0.52 -19.68 6.60
C TYR L 166 -0.93 -20.07 6.83
N PHE L 167 -1.40 -20.07 8.08
CA PHE L 167 -2.82 -20.31 8.25
C PHE L 167 -3.66 -19.06 8.02
N ALA L 168 -3.02 -17.90 7.88
CA ALA L 168 -3.69 -16.69 7.41
C ALA L 168 -3.23 -16.29 6.02
N ARG L 169 -2.42 -17.14 5.38
CA ARG L 169 -2.09 -16.97 3.98
C ARG L 169 -3.33 -17.12 3.10
N ALA L 170 -4.27 -17.94 3.54
CA ALA L 170 -5.47 -18.21 2.78
C ALA L 170 -6.37 -16.98 2.68
N ILE L 171 -6.70 -16.37 3.80
CA ILE L 171 -7.67 -15.28 3.81
C ILE L 171 -7.06 -14.02 3.21
N SER L 172 -5.73 -13.90 3.25
CA SER L 172 -5.06 -12.67 2.81
C SER L 172 -5.13 -12.47 1.31
N LEU L 173 -5.38 -13.53 0.55
CA LEU L 173 -5.36 -13.39 -0.89
C LEU L 173 -6.72 -12.99 -1.44
N GLY L 174 -7.75 -13.79 -1.16
CA GLY L 174 -9.04 -13.54 -1.78
C GLY L 174 -9.74 -12.30 -1.29
N LEU L 175 -9.50 -11.94 -0.02
CA LEU L 175 -10.15 -10.74 0.52
C LEU L 175 -9.61 -9.49 -0.14
N ARG L 176 -8.32 -9.50 -0.50
CA ARG L 176 -7.68 -8.38 -1.16
C ARG L 176 -8.35 -8.05 -2.49
N LEU L 177 -8.70 -9.08 -3.25
CA LEU L 177 -9.48 -8.86 -4.47
C LEU L 177 -10.91 -8.45 -4.14
N GLY L 178 -11.50 -9.03 -3.12
CA GLY L 178 -12.90 -8.76 -2.87
C GLY L 178 -13.18 -7.46 -2.17
N SER L 179 -12.13 -6.77 -1.72
CA SER L 179 -12.33 -5.53 -0.99
C SER L 179 -11.99 -4.34 -1.85
N ASN L 180 -11.10 -4.52 -2.81
CA ASN L 180 -10.73 -3.43 -3.69
C ASN L 180 -11.74 -3.21 -4.80
N ILE L 181 -12.51 -4.23 -5.16
CA ILE L 181 -13.33 -4.14 -6.37
C ILE L 181 -14.77 -3.74 -6.07
N LEU L 182 -15.31 -4.05 -4.89
CA LEU L 182 -16.70 -3.72 -4.62
C LEU L 182 -16.87 -2.24 -4.36
N ALA L 183 -15.79 -1.54 -4.01
CA ALA L 183 -15.81 -0.09 -3.99
C ALA L 183 -15.90 0.52 -5.37
N GLY L 184 -15.71 -0.28 -6.43
CA GLY L 184 -16.02 0.17 -7.77
C GLY L 184 -17.51 0.43 -7.99
N HIS L 185 -18.37 -0.15 -7.14
CA HIS L 185 -19.78 0.19 -7.12
C HIS L 185 -20.26 0.58 -5.72
N LEU L 186 -19.36 0.72 -4.75
CA LEU L 186 -19.78 1.15 -3.42
C LEU L 186 -19.23 2.51 -3.04
N LEU L 187 -17.99 2.81 -3.42
CA LEU L 187 -17.46 4.16 -3.30
C LEU L 187 -17.95 5.06 -4.42
N MET L 188 -18.68 4.51 -5.39
CA MET L 188 -19.27 5.31 -6.43
C MET L 188 -20.78 5.44 -6.34
N VAL L 189 -21.48 4.47 -5.75
CA VAL L 189 -22.92 4.63 -5.66
C VAL L 189 -23.27 5.54 -4.49
N ILE L 190 -22.34 5.74 -3.55
CA ILE L 190 -22.57 6.74 -2.51
C ILE L 190 -22.45 8.16 -3.04
N LEU L 191 -21.73 8.34 -4.15
CA LEU L 191 -21.68 9.63 -4.80
C LEU L 191 -22.95 9.93 -5.56
N ALA L 192 -23.64 8.90 -6.05
CA ALA L 192 -24.89 9.10 -6.78
C ALA L 192 -25.99 9.63 -5.89
N GLY L 193 -25.95 9.31 -4.60
CA GLY L 193 -26.84 9.97 -3.66
C GLY L 193 -26.43 11.39 -3.32
N LEU L 194 -25.21 11.79 -3.65
CA LEU L 194 -24.72 13.13 -3.35
C LEU L 194 -24.92 14.10 -4.51
N THR L 195 -24.65 13.67 -5.73
CA THR L 195 -24.72 14.58 -6.87
C THR L 195 -26.13 14.70 -7.44
N PHE L 196 -26.93 13.64 -7.38
CA PHE L 196 -28.32 13.75 -7.77
C PHE L 196 -29.11 14.54 -6.74
N ASN L 197 -28.64 14.60 -5.50
CA ASN L 197 -29.18 15.54 -4.52
C ASN L 197 -28.59 16.92 -4.67
N PHE L 198 -27.51 17.08 -5.42
CA PHE L 198 -26.96 18.40 -5.66
C PHE L 198 -27.55 19.05 -6.90
N MET L 199 -28.30 18.29 -7.70
CA MET L 199 -28.95 18.83 -8.89
C MET L 199 -30.40 19.23 -8.65
N LEU L 200 -31.12 18.52 -7.77
CA LEU L 200 -32.52 18.82 -7.50
C LEU L 200 -32.64 19.81 -6.33
N ILE L 201 -31.95 20.93 -6.48
CA ILE L 201 -32.00 22.02 -5.51
C ILE L 201 -32.40 23.29 -6.24
N ASN L 202 -31.69 23.59 -7.32
CA ASN L 202 -31.95 24.78 -8.13
C ASN L 202 -31.49 24.51 -9.54
N LEU L 203 -31.71 25.49 -10.41
CA LEU L 203 -31.02 25.51 -11.70
C LEU L 203 -29.78 26.39 -11.63
N PHE L 204 -29.76 27.33 -10.69
CA PHE L 204 -28.57 28.11 -10.36
C PHE L 204 -27.84 27.54 -9.16
N THR L 205 -27.90 26.23 -8.96
CA THR L 205 -27.07 25.54 -7.98
C THR L 205 -25.81 24.95 -8.58
N LEU L 206 -25.63 25.09 -9.90
CA LEU L 206 -24.48 24.52 -10.59
C LEU L 206 -23.31 25.51 -10.54
N VAL L 207 -22.89 25.79 -9.31
CA VAL L 207 -21.89 26.81 -9.02
C VAL L 207 -20.68 26.03 -8.50
N PHE L 208 -19.63 26.77 -8.09
CA PHE L 208 -18.34 26.26 -7.60
C PHE L 208 -17.66 25.41 -8.68
N GLY L 209 -17.67 25.89 -9.91
CA GLY L 209 -17.15 25.08 -11.01
C GLY L 209 -18.07 23.93 -11.32
N PHE L 210 -17.46 22.79 -11.68
CA PHE L 210 -18.19 21.55 -11.97
C PHE L 210 -17.62 20.44 -11.10
N VAL L 211 -18.08 20.37 -9.87
CA VAL L 211 -17.83 19.22 -8.99
C VAL L 211 -18.77 18.05 -9.25
N PRO L 212 -20.11 18.20 -9.58
CA PRO L 212 -20.83 16.91 -9.80
C PRO L 212 -20.69 16.39 -11.23
N LEU L 213 -19.45 16.27 -11.67
CA LEU L 213 -19.08 16.04 -13.06
C LEU L 213 -17.82 15.20 -13.04
N ALA L 214 -16.99 15.34 -14.08
CA ALA L 214 -15.82 14.51 -14.37
C ALA L 214 -14.82 14.36 -13.22
N MET L 215 -14.94 15.13 -12.14
CA MET L 215 -14.29 14.80 -10.89
C MET L 215 -14.66 13.42 -10.40
N ILE L 216 -15.95 13.05 -10.50
CA ILE L 216 -16.36 11.67 -10.26
C ILE L 216 -15.78 10.72 -11.30
N LEU L 217 -15.72 11.14 -12.57
CA LEU L 217 -15.07 10.32 -13.59
C LEU L 217 -13.59 10.14 -13.33
N ALA L 218 -12.96 11.12 -12.69
CA ALA L 218 -11.58 10.95 -12.25
C ALA L 218 -11.49 9.89 -11.16
N ILE L 219 -12.55 9.70 -10.39
CA ILE L 219 -12.51 8.66 -9.37
C ILE L 219 -12.72 7.28 -10.00
N MET L 220 -13.55 7.20 -11.04
CA MET L 220 -13.96 5.87 -11.47
C MET L 220 -12.87 5.13 -12.26
N MET L 221 -12.08 5.83 -13.07
CA MET L 221 -11.22 5.09 -13.99
C MET L 221 -10.01 4.52 -13.29
N LEU L 222 -9.66 5.03 -12.12
CA LEU L 222 -8.55 4.43 -11.39
C LEU L 222 -8.97 3.10 -10.79
N GLU L 223 -10.19 3.02 -10.29
CA GLU L 223 -10.70 1.74 -9.83
C GLU L 223 -10.97 0.82 -11.01
N PHE L 224 -11.29 1.39 -12.18
CA PHE L 224 -11.28 0.62 -13.40
C PHE L 224 -9.88 0.12 -13.72
N ALA L 225 -8.88 0.98 -13.59
CA ALA L 225 -7.51 0.52 -13.79
C ALA L 225 -7.02 -0.33 -12.64
N ILE L 226 -7.62 -0.20 -11.46
CA ILE L 226 -7.33 -1.12 -10.37
C ILE L 226 -7.75 -2.53 -10.77
N GLY L 227 -8.88 -2.64 -11.47
CA GLY L 227 -9.39 -3.92 -11.95
C GLY L 227 -8.47 -4.65 -12.88
N ILE L 228 -7.62 -3.93 -13.63
CA ILE L 228 -6.57 -4.62 -14.38
C ILE L 228 -5.51 -5.14 -13.42
N ILE L 229 -4.93 -4.24 -12.61
CA ILE L 229 -3.78 -4.62 -11.81
C ILE L 229 -4.15 -5.48 -10.62
N GLN L 230 -5.43 -5.59 -10.27
CA GLN L 230 -5.80 -6.56 -9.26
C GLN L 230 -5.74 -7.98 -9.81
N GLY L 231 -5.99 -8.13 -11.10
CA GLY L 231 -5.78 -9.42 -11.72
C GLY L 231 -4.32 -9.77 -11.84
N TYR L 232 -3.51 -8.80 -12.24
CA TYR L 232 -2.08 -9.03 -12.40
C TYR L 232 -1.39 -9.30 -11.07
N VAL L 233 -1.86 -8.69 -9.99
CA VAL L 233 -1.24 -8.96 -8.70
C VAL L 233 -1.65 -10.35 -8.23
N TRP L 234 -2.76 -10.89 -8.72
CA TRP L 234 -3.13 -12.25 -8.35
C TRP L 234 -2.25 -13.27 -9.03
N ALA L 235 -1.81 -12.98 -10.24
CA ALA L 235 -0.88 -13.88 -10.91
C ALA L 235 0.46 -13.92 -10.20
N ILE L 236 0.97 -12.77 -9.76
CA ILE L 236 2.24 -12.74 -9.05
C ILE L 236 2.13 -13.41 -7.70
N LEU L 237 1.04 -13.15 -6.98
CA LEU L 237 0.90 -13.66 -5.63
C LEU L 237 0.77 -15.17 -5.59
N THR L 238 0.00 -15.75 -6.52
CA THR L 238 -0.10 -17.19 -6.58
C THR L 238 1.19 -17.82 -7.09
N ALA L 239 1.97 -17.06 -7.87
CA ALA L 239 3.22 -17.61 -8.39
C ALA L 239 4.26 -17.78 -7.29
N SER L 240 4.30 -16.85 -6.34
CA SER L 240 5.29 -16.95 -5.29
C SER L 240 5.00 -18.08 -4.32
N TYR L 241 3.75 -18.50 -4.19
CA TYR L 241 3.44 -19.48 -3.16
C TYR L 241 3.81 -20.89 -3.59
N LEU L 242 3.61 -21.23 -4.85
CA LEU L 242 4.04 -22.54 -5.33
C LEU L 242 5.47 -22.53 -5.83
N LYS L 243 6.27 -21.56 -5.43
CA LYS L 243 7.70 -21.68 -5.65
C LYS L 243 8.35 -22.53 -4.58
N ASP L 244 8.05 -22.23 -3.31
CA ASP L 244 8.64 -22.96 -2.20
C ASP L 244 7.86 -24.21 -1.83
N ALA L 245 6.57 -24.26 -2.15
CA ALA L 245 5.79 -25.48 -1.94
C ALA L 245 6.11 -26.54 -2.97
N VAL L 246 6.75 -26.17 -4.07
CA VAL L 246 7.18 -27.14 -5.06
C VAL L 246 8.68 -27.37 -4.99
N TYR L 247 9.48 -26.31 -4.88
CA TYR L 247 10.92 -26.51 -4.91
C TYR L 247 11.48 -26.60 -3.50
N LEU L 248 12.64 -27.25 -3.38
CA LEU L 248 13.23 -27.64 -2.10
C LEU L 248 13.64 -26.44 -1.25
N ASN M 53 -35.63 8.66 -13.60
CA ASN M 53 -34.87 7.74 -12.76
C ASN M 53 -34.02 8.51 -11.75
N ASP M 54 -34.07 8.08 -10.50
CA ASP M 54 -33.26 8.71 -9.45
C ASP M 54 -31.77 8.44 -9.68
N GLU M 55 -31.44 7.31 -10.28
CA GLU M 55 -30.07 6.91 -10.55
C GLU M 55 -29.67 7.17 -12.00
N SER M 56 -30.15 8.27 -12.58
CA SER M 56 -29.94 8.58 -13.99
C SER M 56 -28.47 8.83 -14.32
N ILE M 57 -27.66 9.19 -13.33
CA ILE M 57 -26.25 9.50 -13.57
C ILE M 57 -25.41 8.27 -13.86
N LEU M 58 -25.97 7.07 -13.70
CA LEU M 58 -25.16 5.86 -13.57
C LEU M 58 -24.55 5.43 -14.90
N LEU M 59 -25.31 5.45 -15.99
CA LEU M 59 -24.71 5.15 -17.29
C LEU M 59 -24.00 6.36 -17.86
N LEU M 60 -24.22 7.54 -17.28
CA LEU M 60 -23.61 8.76 -17.78
C LEU M 60 -22.16 8.92 -17.34
N THR M 61 -21.73 8.21 -16.30
CA THR M 61 -20.41 8.49 -15.73
C THR M 61 -19.28 7.83 -16.52
N PHE M 62 -19.57 7.21 -17.65
CA PHE M 62 -18.56 7.01 -18.68
C PHE M 62 -18.97 7.61 -20.01
N LEU M 63 -19.53 8.83 -19.99
CA LEU M 63 -19.75 9.57 -21.23
C LEU M 63 -18.44 9.93 -21.89
N GLY M 64 -17.39 10.13 -21.08
CA GLY M 64 -16.11 10.56 -21.56
C GLY M 64 -15.03 9.55 -21.24
N PHE M 65 -15.32 8.62 -20.33
CA PHE M 65 -14.41 7.49 -20.16
C PHE M 65 -14.48 6.58 -21.37
N THR M 66 -15.67 6.41 -21.94
CA THR M 66 -15.76 5.77 -23.25
C THR M 66 -15.13 6.65 -24.32
N GLY M 67 -15.19 7.97 -24.14
CA GLY M 67 -14.51 8.87 -25.03
C GLY M 67 -13.03 8.99 -24.79
N LEU M 68 -12.56 8.62 -23.59
CA LEU M 68 -11.13 8.66 -23.30
C LEU M 68 -10.38 7.64 -24.16
N VAL M 69 -10.84 6.40 -24.15
CA VAL M 69 -10.20 5.39 -24.99
C VAL M 69 -10.52 5.61 -26.47
N ALA M 70 -11.60 6.34 -26.77
CA ALA M 70 -11.91 6.64 -28.15
C ALA M 70 -11.07 7.77 -28.72
N LYS M 71 -10.62 8.69 -27.90
CA LYS M 71 -9.89 9.86 -28.38
C LYS M 71 -8.45 9.89 -27.93
N TYR M 72 -8.18 9.52 -26.68
CA TYR M 72 -6.84 9.60 -26.13
C TYR M 72 -6.12 8.26 -26.11
N LEU M 73 -6.84 7.14 -26.12
CA LEU M 73 -6.25 5.82 -26.16
C LEU M 73 -6.71 4.95 -27.32
N ALA M 74 -7.16 5.54 -28.42
CA ALA M 74 -7.34 4.74 -29.62
C ALA M 74 -6.02 4.51 -30.38
N PRO M 75 -5.19 5.51 -30.70
CA PRO M 75 -3.92 5.16 -31.34
C PRO M 75 -2.87 4.64 -30.38
N ALA M 76 -3.11 4.73 -29.07
CA ALA M 76 -2.17 4.23 -28.08
C ALA M 76 -2.13 2.72 -28.01
N TYR M 77 -3.06 2.04 -28.67
CA TYR M 77 -3.00 0.60 -28.84
C TYR M 77 -3.12 0.17 -30.29
N LYS M 78 -3.97 0.83 -31.08
CA LYS M 78 -4.13 0.42 -32.47
C LYS M 78 -2.92 0.83 -33.30
N ASP M 79 -2.35 2.00 -33.06
CA ASP M 79 -1.11 2.37 -33.71
C ASP M 79 0.12 1.94 -32.91
N PHE M 80 -0.08 1.11 -31.90
CA PHE M 80 0.99 0.36 -31.24
C PHE M 80 1.18 -1.02 -31.83
N ALA M 81 0.08 -1.66 -32.24
CA ALA M 81 0.14 -3.05 -32.65
C ALA M 81 0.40 -3.19 -34.14
N ASP M 82 0.08 -2.17 -34.93
CA ASP M 82 0.18 -2.27 -36.39
C ASP M 82 1.62 -2.40 -36.84
N ALA M 83 2.55 -1.72 -36.16
CA ALA M 83 3.96 -1.90 -36.48
C ALA M 83 4.46 -3.26 -36.03
N ARG M 84 3.85 -3.82 -34.97
CA ARG M 84 4.25 -5.15 -34.52
C ARG M 84 3.80 -6.22 -35.50
N MET M 85 2.58 -6.12 -36.01
CA MET M 85 2.18 -7.04 -37.08
C MET M 85 2.85 -6.67 -38.39
N LYS M 86 3.35 -5.45 -38.54
CA LYS M 86 4.26 -5.17 -39.63
C LYS M 86 5.59 -5.86 -39.43
N LYS M 87 6.05 -5.95 -38.18
CA LYS M 87 7.37 -6.50 -37.87
C LYS M 87 7.45 -7.99 -38.17
N VAL M 88 6.40 -8.75 -37.87
CA VAL M 88 6.45 -10.17 -38.18
C VAL M 88 6.27 -10.43 -39.67
N SER M 89 5.45 -9.60 -40.35
CA SER M 89 5.03 -9.91 -41.72
C SER M 89 6.11 -9.66 -42.76
N ASP M 90 7.27 -9.16 -42.36
CA ASP M 90 8.38 -8.99 -43.28
C ASP M 90 9.66 -9.63 -42.81
N VAL M 91 9.86 -9.81 -41.50
CA VAL M 91 11.06 -10.50 -41.05
C VAL M 91 10.95 -11.99 -41.31
N LEU M 92 9.75 -12.50 -41.59
CA LEU M 92 9.66 -13.78 -42.27
C LEU M 92 9.92 -13.63 -43.76
N ASN M 93 9.48 -12.53 -44.37
CA ASN M 93 9.65 -12.33 -45.80
C ASN M 93 11.09 -12.07 -46.18
N ALA M 94 11.81 -11.26 -45.39
CA ALA M 94 13.19 -10.96 -45.72
C ALA M 94 14.09 -12.16 -45.50
N SER M 95 13.81 -12.95 -44.47
CA SER M 95 14.51 -14.21 -44.29
C SER M 95 14.11 -15.23 -45.34
N ARG M 96 12.92 -15.10 -45.91
CA ARG M 96 12.56 -15.95 -47.03
C ARG M 96 13.33 -15.58 -48.29
N ASN M 97 13.64 -14.29 -48.46
CA ASN M 97 14.51 -13.90 -49.57
C ASN M 97 15.94 -14.37 -49.33
N LYS M 98 16.32 -14.58 -48.06
CA LYS M 98 17.59 -15.22 -47.77
C LYS M 98 17.59 -16.68 -48.19
N HIS M 99 16.42 -17.32 -48.25
CA HIS M 99 16.36 -18.64 -48.84
C HIS M 99 16.57 -18.59 -50.33
N VAL M 100 16.16 -17.49 -50.98
CA VAL M 100 16.35 -17.36 -52.41
C VAL M 100 17.81 -17.05 -52.73
N GLU M 101 18.59 -16.67 -51.73
CA GLU M 101 20.04 -16.54 -51.91
C GLU M 101 20.76 -17.82 -51.52
N ALA M 102 20.20 -18.58 -50.59
CA ALA M 102 20.84 -19.83 -50.21
C ALA M 102 20.61 -20.93 -51.23
N VAL M 103 19.53 -20.85 -52.00
CA VAL M 103 19.29 -21.84 -53.05
C VAL M 103 20.11 -21.55 -54.30
N LYS M 104 20.63 -20.33 -54.43
CA LYS M 104 21.40 -19.97 -55.62
C LYS M 104 22.82 -20.52 -55.61
N ASP M 105 23.36 -20.85 -54.43
CA ASP M 105 24.75 -21.29 -54.38
C ASP M 105 24.90 -22.70 -54.95
N ARG M 106 24.00 -23.61 -54.61
CA ARG M 106 24.08 -24.97 -55.11
C ARG M 106 23.51 -25.06 -56.53
N GLU N 107 30.64 -38.69 -62.54
CA GLU N 107 31.05 -37.29 -62.62
C GLU N 107 29.81 -36.39 -62.70
N SER N 108 28.80 -36.84 -63.43
CA SER N 108 27.57 -36.10 -63.64
C SER N 108 26.44 -36.69 -62.83
N LEU N 109 26.76 -37.09 -61.59
CA LEU N 109 25.78 -37.69 -60.70
C LEU N 109 24.70 -36.69 -60.28
N VAL N 110 25.11 -35.46 -59.96
CA VAL N 110 24.14 -34.43 -59.58
C VAL N 110 23.66 -33.61 -60.77
N SER N 111 24.01 -34.01 -61.99
CA SER N 111 23.66 -33.23 -63.18
C SER N 111 22.18 -33.27 -63.53
N LYS N 112 21.47 -34.33 -63.12
CA LYS N 112 20.03 -34.40 -63.32
C LYS N 112 19.25 -33.70 -62.22
N GLU N 113 19.94 -33.01 -61.32
CA GLU N 113 19.36 -32.12 -60.33
C GLU N 113 19.42 -30.69 -60.82
N LEU N 114 19.19 -30.52 -62.12
CA LEU N 114 19.34 -29.24 -62.80
C LEU N 114 18.04 -28.45 -62.86
N LYS N 115 16.95 -28.98 -62.31
CA LYS N 115 15.68 -28.29 -62.34
C LYS N 115 14.92 -28.32 -61.02
N ASP N 116 15.30 -29.20 -60.10
CA ASP N 116 14.57 -29.37 -58.83
C ASP N 116 14.74 -28.14 -57.94
N LEU N 117 15.84 -27.41 -58.08
CA LEU N 117 15.97 -26.10 -57.47
C LEU N 117 15.59 -24.98 -58.43
N GLN N 118 15.48 -25.28 -59.73
CA GLN N 118 15.00 -24.28 -60.69
C GLN N 118 13.48 -24.21 -60.73
N SER N 119 12.79 -25.31 -60.41
CA SER N 119 11.35 -25.25 -60.32
C SER N 119 10.91 -24.52 -59.06
N THR N 120 11.78 -24.49 -58.04
CA THR N 120 11.50 -23.70 -56.85
C THR N 120 11.71 -22.22 -57.11
N LEU N 121 12.68 -21.87 -57.97
CA LEU N 121 12.95 -20.46 -58.27
C LEU N 121 11.80 -19.83 -59.05
N ASP N 122 11.18 -20.59 -59.96
CA ASP N 122 9.94 -20.14 -60.58
C ASP N 122 8.77 -20.18 -59.62
N ASN N 123 8.87 -20.95 -58.54
CA ASN N 123 7.88 -20.98 -57.47
C ASN N 123 8.19 -19.96 -56.38
N ILE N 124 9.07 -19.01 -56.66
CA ILE N 124 9.35 -17.92 -55.74
C ILE N 124 9.18 -16.55 -56.36
N GLN N 125 9.36 -16.40 -57.68
CA GLN N 125 9.29 -15.10 -58.31
C GLN N 125 7.87 -14.61 -58.51
N SER N 126 6.91 -15.54 -58.59
CA SER N 126 5.49 -15.17 -58.65
C SER N 126 4.60 -16.12 -57.87
N ALA N 127 5.16 -16.94 -56.99
CA ALA N 127 4.38 -17.94 -56.25
C ALA N 127 4.70 -17.90 -54.77
N ARG N 128 4.69 -16.70 -54.18
CA ARG N 128 5.01 -16.51 -52.76
C ARG N 128 3.85 -15.85 -52.03
N PRO N 129 2.86 -16.61 -51.59
CA PRO N 129 1.80 -16.05 -50.73
C PRO N 129 2.07 -16.29 -49.24
N PHE N 130 3.24 -15.84 -48.76
CA PHE N 130 3.70 -16.25 -47.44
C PHE N 130 2.95 -15.59 -46.30
N ASP N 131 2.16 -14.56 -46.57
CA ASP N 131 1.59 -13.76 -45.51
C ASP N 131 0.09 -13.56 -45.67
N GLU N 132 -0.54 -14.29 -46.58
CA GLU N 132 -2.00 -14.36 -46.60
C GLU N 132 -2.47 -15.80 -46.46
N LEU N 133 -1.56 -16.74 -46.30
CA LEU N 133 -1.92 -18.12 -46.06
C LEU N 133 -1.91 -18.42 -44.56
N THR N 134 -2.55 -19.54 -44.23
CA THR N 134 -2.87 -19.91 -42.86
C THR N 134 -1.78 -20.80 -42.26
N VAL N 135 -2.08 -21.44 -41.14
CA VAL N 135 -1.14 -22.34 -40.49
C VAL N 135 -1.45 -23.82 -40.76
N ASP N 136 -2.72 -24.23 -40.75
CA ASP N 136 -3.05 -25.65 -40.82
C ASP N 136 -2.80 -26.27 -42.19
N ASP N 137 -2.57 -25.45 -43.21
CA ASP N 137 -2.06 -25.96 -44.48
C ASP N 137 -0.66 -26.52 -44.32
N LEU N 138 0.14 -25.92 -43.43
CA LEU N 138 1.51 -26.38 -43.23
C LEU N 138 1.54 -27.70 -42.47
N THR N 139 0.51 -27.98 -41.66
CA THR N 139 0.39 -29.29 -41.06
C THR N 139 0.10 -30.35 -42.11
N LYS N 140 -0.68 -30.01 -43.12
CA LYS N 140 -0.83 -30.87 -44.30
C LYS N 140 0.45 -30.94 -45.11
N ILE N 141 1.32 -29.94 -44.98
CA ILE N 141 2.62 -29.96 -45.62
C ILE N 141 3.65 -30.67 -44.75
N LYS N 142 3.81 -30.24 -43.51
CA LYS N 142 4.79 -30.82 -42.60
C LYS N 142 4.11 -31.27 -41.34
N PRO N 143 3.88 -32.57 -41.14
CA PRO N 143 3.22 -33.03 -39.92
C PRO N 143 4.11 -32.99 -38.70
N GLU N 144 5.42 -32.90 -38.88
CA GLU N 144 6.34 -32.90 -37.75
C GLU N 144 6.30 -31.61 -36.96
N ILE N 145 5.73 -30.54 -37.52
CA ILE N 145 5.57 -29.30 -36.75
C ILE N 145 4.52 -29.42 -35.67
N ASP N 146 3.66 -30.45 -35.74
CA ASP N 146 2.78 -30.80 -34.65
C ASP N 146 3.34 -31.90 -33.79
N ALA N 147 4.32 -32.66 -34.28
CA ALA N 147 4.90 -33.74 -33.50
C ALA N 147 5.73 -33.21 -32.34
N LYS N 148 6.54 -32.18 -32.59
CA LYS N 148 7.26 -31.56 -31.49
C LYS N 148 6.36 -30.69 -30.62
N VAL N 149 5.19 -30.30 -31.14
CA VAL N 149 4.18 -29.68 -30.28
C VAL N 149 3.73 -30.65 -29.21
N GLU N 150 3.46 -31.89 -29.60
CA GLU N 150 3.01 -32.89 -28.65
C GLU N 150 4.07 -33.19 -27.60
N GLU N 151 5.33 -33.19 -28.00
CA GLU N 151 6.39 -33.51 -27.05
C GLU N 151 6.77 -32.32 -26.19
N MET N 152 6.46 -31.10 -26.64
CA MET N 152 6.74 -29.95 -25.80
C MET N 152 5.56 -29.60 -24.89
N VAL N 153 4.40 -30.21 -25.10
CA VAL N 153 3.28 -30.00 -24.20
C VAL N 153 3.39 -30.91 -22.98
N LYS N 154 3.66 -32.21 -23.22
CA LYS N 154 3.71 -33.17 -22.12
C LYS N 154 4.88 -32.91 -21.19
N LYS N 155 5.99 -32.42 -21.71
CA LYS N 155 7.09 -32.03 -20.84
C LYS N 155 6.83 -30.71 -20.15
N GLY N 156 5.91 -29.89 -20.65
CA GLY N 156 5.72 -28.57 -20.10
C GLY N 156 6.70 -27.55 -20.61
N LYS N 157 7.06 -27.63 -21.88
CA LYS N 157 7.96 -26.65 -22.50
C LYS N 157 7.13 -25.76 -23.40
N TRP N 158 6.55 -24.71 -22.82
CA TRP N 158 5.82 -23.71 -23.60
C TRP N 158 6.74 -22.60 -24.11
N ASP N 159 7.85 -22.36 -23.42
CA ASP N 159 8.81 -21.36 -23.86
C ASP N 159 9.57 -21.93 -25.05
N VAL N 160 9.14 -21.57 -26.25
CA VAL N 160 9.81 -22.02 -27.46
C VAL N 160 11.14 -21.30 -27.61
N PRO N 161 12.26 -22.02 -27.58
CA PRO N 161 13.55 -21.36 -27.81
C PRO N 161 13.67 -20.97 -29.27
N GLY N 162 14.57 -20.03 -29.52
CA GLY N 162 14.70 -19.51 -30.86
C GLY N 162 13.58 -18.62 -31.30
N TYR N 163 12.88 -17.99 -30.36
CA TYR N 163 11.88 -16.99 -30.67
C TYR N 163 12.33 -15.57 -30.33
N LYS N 164 13.08 -15.42 -29.23
CA LYS N 164 13.45 -14.09 -28.76
C LYS N 164 14.58 -13.48 -29.56
N ASP N 165 15.42 -14.29 -30.19
CA ASP N 165 16.52 -13.75 -30.99
C ASP N 165 16.01 -13.07 -32.25
N ARG N 166 14.86 -13.50 -32.77
CA ARG N 166 14.30 -12.94 -33.99
C ARG N 166 13.08 -12.08 -33.75
N PHE N 167 12.28 -12.40 -32.74
CA PHE N 167 11.09 -11.63 -32.43
C PHE N 167 11.20 -11.05 -31.03
N GLY N 168 10.38 -10.04 -30.78
CA GLY N 168 10.31 -9.42 -29.46
C GLY N 168 9.56 -10.29 -28.48
N ASN N 169 9.47 -9.78 -27.25
CA ASN N 169 8.73 -10.49 -26.23
C ASN N 169 7.24 -10.20 -26.26
N LEU N 170 6.84 -9.06 -26.83
CA LEU N 170 5.45 -8.61 -26.91
C LEU N 170 4.79 -8.55 -25.54
N ASN N 171 5.54 -8.17 -24.53
CA ASN N 171 5.00 -8.09 -23.18
C ASN N 171 4.98 -6.64 -22.73
N VAL N 172 4.47 -6.42 -21.54
CA VAL N 172 4.46 -5.10 -20.96
C VAL N 172 5.68 -4.88 -20.05
N MET N 173 6.72 -5.69 -20.23
CA MET N 173 8.01 -5.44 -19.61
C MET N 173 8.89 -4.56 -20.50
N PRO O 19 24.90 -27.80 -44.46
CA PRO O 19 25.39 -28.12 -45.81
C PRO O 19 24.26 -28.46 -46.77
N ASN O 20 24.24 -29.71 -47.24
CA ASN O 20 23.20 -30.17 -48.14
C ASN O 20 21.85 -30.34 -47.46
N ALA O 21 21.84 -30.58 -46.14
CA ALA O 21 20.63 -31.00 -45.45
C ALA O 21 19.64 -29.87 -45.23
N LYS O 22 20.09 -28.66 -44.92
CA LYS O 22 19.20 -27.51 -44.89
C LYS O 22 18.74 -27.14 -46.30
N ARG O 23 19.56 -27.42 -47.30
CA ARG O 23 19.25 -27.15 -48.69
C ARG O 23 18.30 -28.18 -49.29
N ILE O 24 17.97 -29.23 -48.55
CA ILE O 24 16.97 -30.18 -49.00
C ILE O 24 15.80 -30.29 -48.03
N ALA O 25 15.88 -29.70 -46.85
CA ALA O 25 14.74 -29.63 -45.95
C ALA O 25 13.71 -28.60 -46.40
N ASN O 26 14.05 -27.75 -47.37
CA ASN O 26 13.16 -26.73 -47.87
C ASN O 26 12.50 -27.11 -49.18
N VAL O 27 13.04 -28.10 -49.91
CA VAL O 27 12.62 -28.35 -51.27
C VAL O 27 11.22 -28.94 -51.39
N VAL O 28 10.63 -29.40 -50.29
CA VAL O 28 9.24 -29.83 -50.32
C VAL O 28 8.32 -28.68 -49.94
N HIS O 29 8.55 -28.08 -48.77
CA HIS O 29 7.62 -27.12 -48.22
C HIS O 29 7.67 -25.77 -48.92
N PHE O 30 8.74 -25.48 -49.66
CA PHE O 30 8.73 -24.31 -50.52
C PHE O 30 7.94 -24.54 -51.79
N TYR O 31 7.83 -25.79 -52.23
CA TYR O 31 7.22 -26.09 -53.51
C TYR O 31 5.77 -26.56 -53.39
N LYS O 32 5.45 -27.35 -52.37
CA LYS O 32 4.18 -28.07 -52.35
C LYS O 32 3.02 -27.25 -51.79
N SER O 33 3.21 -25.99 -51.47
CA SER O 33 2.15 -25.19 -50.87
C SER O 33 1.37 -24.46 -51.97
N LEU O 34 0.43 -23.60 -51.54
CA LEU O 34 -0.46 -22.89 -52.46
C LEU O 34 0.33 -21.80 -53.20
N PRO O 35 0.04 -21.58 -54.48
CA PRO O 35 0.87 -20.66 -55.27
C PRO O 35 0.38 -19.23 -55.31
N GLN O 36 -0.88 -18.97 -54.95
CA GLN O 36 -1.46 -17.66 -55.21
C GLN O 36 -2.08 -16.97 -54.00
N GLY O 37 -2.34 -17.69 -52.90
CA GLY O 37 -3.12 -17.14 -51.82
C GLY O 37 -4.56 -17.00 -52.25
N PRO O 38 -4.99 -17.92 -53.11
CA PRO O 38 -6.34 -17.87 -53.67
C PRO O 38 -7.36 -18.43 -52.67
N ALA O 39 -8.61 -18.54 -53.16
CA ALA O 39 -9.77 -19.05 -52.43
C ALA O 39 -9.96 -18.28 -51.13
N PRO O 40 -10.48 -17.05 -51.19
CA PRO O 40 -10.47 -16.17 -50.00
C PRO O 40 -11.36 -16.62 -48.87
N ALA O 41 -12.33 -17.52 -49.12
CA ALA O 41 -13.23 -18.11 -48.12
C ALA O 41 -14.05 -17.07 -47.35
N ILE O 42 -14.22 -15.89 -47.96
CA ILE O 42 -15.19 -14.92 -47.48
C ILE O 42 -16.57 -15.20 -48.04
N LYS O 43 -16.69 -16.15 -48.98
CA LYS O 43 -17.96 -16.65 -49.48
C LYS O 43 -18.32 -17.89 -48.65
N ALA O 44 -18.23 -17.76 -47.33
CA ALA O 44 -18.71 -18.79 -46.41
C ALA O 44 -19.48 -18.04 -45.33
N ASN O 45 -20.76 -17.79 -45.59
CA ASN O 45 -21.59 -16.96 -44.73
C ASN O 45 -22.86 -17.74 -44.41
N THR O 46 -22.86 -18.38 -43.24
CA THR O 46 -24.02 -19.13 -42.80
C THR O 46 -24.30 -18.88 -41.32
N ARG O 47 -24.13 -17.63 -40.87
CA ARG O 47 -24.16 -17.23 -39.46
C ARG O 47 -23.12 -18.01 -38.64
N LEU O 48 -21.97 -18.25 -39.26
CA LEU O 48 -20.81 -18.78 -38.54
C LEU O 48 -19.64 -17.83 -38.70
N ALA O 49 -19.46 -17.29 -39.91
CA ALA O 49 -18.38 -16.35 -40.15
C ALA O 49 -18.88 -14.93 -40.30
N ARG O 50 -20.18 -14.70 -40.18
CA ARG O 50 -20.74 -13.37 -40.32
C ARG O 50 -20.54 -12.51 -39.09
N TYR O 51 -19.89 -13.03 -38.04
CA TYR O 51 -19.45 -12.19 -36.94
C TYR O 51 -18.38 -11.21 -37.39
N LYS O 52 -17.44 -11.66 -38.20
CA LYS O 52 -16.15 -11.00 -38.35
C LYS O 52 -15.99 -10.23 -39.64
N ALA O 53 -16.84 -10.47 -40.63
CA ALA O 53 -16.72 -9.76 -41.90
C ALA O 53 -17.28 -8.35 -41.83
N LYS O 54 -17.85 -7.94 -40.69
CA LYS O 54 -18.39 -6.61 -40.51
C LYS O 54 -17.41 -5.67 -39.82
N TYR O 55 -16.88 -6.06 -38.66
CA TYR O 55 -15.98 -5.20 -37.90
C TYR O 55 -14.58 -5.76 -37.72
N PHE O 56 -14.37 -7.06 -37.98
CA PHE O 56 -13.08 -7.69 -37.71
C PHE O 56 -12.24 -7.83 -38.97
N ASP O 57 -12.54 -7.06 -40.01
CA ASP O 57 -11.65 -6.96 -41.14
C ASP O 57 -10.50 -6.00 -40.80
N GLY O 58 -9.39 -6.16 -41.49
CA GLY O 58 -8.19 -5.43 -41.13
C GLY O 58 -8.11 -4.01 -41.68
N ASP O 59 -9.19 -3.23 -41.55
CA ASP O 59 -9.26 -1.90 -42.13
C ASP O 59 -9.45 -0.77 -41.15
N ASN O 60 -10.49 -0.82 -40.31
CA ASN O 60 -10.89 0.37 -39.55
C ASN O 60 -10.06 0.55 -38.29
N ALA O 61 -10.16 -0.42 -37.37
CA ALA O 61 -9.47 -0.43 -36.07
C ALA O 61 -9.78 0.80 -35.22
N SER O 62 -11.06 0.99 -34.94
CA SER O 62 -11.51 1.91 -33.91
C SER O 62 -11.93 1.10 -32.69
N GLY O 63 -12.53 1.77 -31.71
CA GLY O 63 -12.97 1.12 -30.49
C GLY O 63 -14.38 0.58 -30.57
N LYS O 64 -14.70 -0.09 -31.68
CA LYS O 64 -16.07 -0.51 -31.98
C LYS O 64 -16.55 -1.83 -31.37
N PRO O 65 -15.83 -2.97 -31.47
CA PRO O 65 -16.45 -4.22 -31.00
C PRO O 65 -16.53 -4.32 -29.49
N LEU O 66 -15.68 -3.58 -28.78
CA LEU O 66 -15.84 -3.45 -27.34
C LEU O 66 -17.03 -2.57 -26.98
N TRP O 67 -17.30 -1.53 -27.79
CA TRP O 67 -18.33 -0.57 -27.45
C TRP O 67 -19.72 -1.16 -27.60
N HIS O 68 -19.92 -2.04 -28.58
CA HIS O 68 -21.22 -2.68 -28.67
C HIS O 68 -21.36 -3.87 -27.74
N PHE O 69 -20.31 -4.23 -27.00
CA PHE O 69 -20.48 -5.16 -25.89
C PHE O 69 -21.16 -4.49 -24.73
N ALA O 70 -20.71 -3.30 -24.35
CA ALA O 70 -21.27 -2.60 -23.21
C ALA O 70 -22.67 -2.07 -23.47
N LEU O 71 -22.99 -1.71 -24.71
CA LEU O 71 -24.30 -1.15 -25.03
C LEU O 71 -25.41 -2.18 -24.99
N GLY O 72 -25.09 -3.46 -24.80
CA GLY O 72 -26.11 -4.47 -24.62
C GLY O 72 -26.28 -4.85 -23.16
N ILE O 73 -25.18 -4.88 -22.41
CA ILE O 73 -25.27 -5.34 -21.03
C ILE O 73 -25.84 -4.26 -20.12
N ILE O 74 -25.71 -2.98 -20.49
CA ILE O 74 -26.46 -1.97 -19.74
C ILE O 74 -27.94 -2.07 -20.06
N ALA O 75 -28.31 -2.55 -21.24
CA ALA O 75 -29.69 -2.86 -21.50
C ALA O 75 -30.12 -4.13 -20.80
N PHE O 76 -29.26 -5.15 -20.78
CA PHE O 76 -29.49 -6.35 -20.01
C PHE O 76 -29.46 -6.09 -18.51
N GLY O 77 -28.80 -5.02 -18.08
CA GLY O 77 -28.79 -4.69 -16.67
C GLY O 77 -30.04 -3.97 -16.23
N TYR O 78 -30.42 -2.91 -16.96
CA TYR O 78 -31.58 -2.08 -16.63
C TYR O 78 -32.89 -2.84 -16.78
N SER O 79 -32.93 -3.85 -17.61
CA SER O 79 -34.17 -4.58 -17.83
C SER O 79 -34.51 -5.50 -16.67
N MET O 80 -33.50 -6.08 -16.02
CA MET O 80 -33.76 -7.15 -15.06
C MET O 80 -34.32 -6.64 -13.73
N GLU O 81 -34.29 -5.32 -13.50
CA GLU O 81 -35.03 -4.75 -12.38
C GLU O 81 -36.32 -4.11 -12.85
N TYR O 82 -36.36 -3.68 -14.12
CA TYR O 82 -37.62 -3.32 -14.78
C TYR O 82 -38.56 -4.51 -14.86
N TYR O 83 -38.01 -5.72 -14.94
CA TYR O 83 -38.79 -6.95 -14.82
C TYR O 83 -38.99 -7.34 -13.37
N PHE O 84 -38.01 -7.07 -12.49
CA PHE O 84 -38.16 -7.46 -11.10
C PHE O 84 -39.13 -6.54 -10.36
N HIS O 85 -38.80 -5.26 -10.27
CA HIS O 85 -39.55 -4.33 -9.42
C HIS O 85 -40.21 -3.19 -10.17
N LEU O 86 -39.46 -2.53 -11.07
CA LEU O 86 -39.91 -1.29 -11.68
C LEU O 86 -41.07 -1.49 -12.65
N MET P 1 -12.34 -26.72 -36.45
CA MET P 1 -12.83 -26.00 -35.28
C MET P 1 -11.65 -25.68 -34.35
N LEU P 2 -11.33 -26.59 -33.45
CA LEU P 2 -10.14 -26.50 -32.63
C LEU P 2 -9.42 -27.84 -32.65
N LYS P 3 -8.21 -27.86 -32.09
CA LYS P 3 -7.48 -29.11 -31.94
C LYS P 3 -7.37 -29.49 -30.48
N ARG P 4 -7.69 -30.75 -30.19
CA ARG P 4 -7.52 -31.34 -28.86
C ARG P 4 -6.08 -31.78 -28.71
N PHE P 5 -5.58 -31.74 -27.48
CA PHE P 5 -4.23 -32.21 -27.23
C PHE P 5 -4.18 -33.00 -25.93
N PRO P 6 -3.45 -34.10 -25.86
CA PRO P 6 -3.32 -34.81 -24.59
C PRO P 6 -2.40 -34.10 -23.61
N THR P 7 -2.92 -33.08 -22.95
CA THR P 7 -2.18 -32.24 -22.00
C THR P 7 -2.34 -32.76 -20.58
N PRO P 8 -1.26 -32.77 -19.80
CA PRO P 8 -1.30 -33.43 -18.50
C PRO P 8 -2.11 -32.69 -17.45
N ILE P 9 -3.30 -33.19 -17.13
CA ILE P 9 -4.19 -32.50 -16.21
C ILE P 9 -4.41 -33.24 -14.90
N LEU P 10 -4.69 -34.54 -14.90
CA LEU P 10 -5.06 -35.19 -13.66
C LEU P 10 -3.86 -35.48 -12.77
N LYS P 11 -2.74 -35.90 -13.33
CA LYS P 11 -1.58 -36.30 -12.55
C LYS P 11 -0.81 -35.12 -11.97
N VAL P 12 -1.24 -33.90 -12.26
CA VAL P 12 -0.55 -32.72 -11.75
C VAL P 12 -1.47 -31.72 -11.08
N TYR P 13 -2.79 -31.82 -11.24
CA TYR P 13 -3.72 -30.99 -10.47
C TYR P 13 -4.63 -31.82 -9.58
N TRP P 14 -4.27 -33.07 -9.32
CA TRP P 14 -4.99 -33.90 -8.36
C TRP P 14 -5.03 -33.37 -6.92
N PRO P 15 -4.13 -32.50 -6.41
CA PRO P 15 -4.48 -31.85 -5.15
C PRO P 15 -5.63 -30.88 -5.30
N PHE P 16 -5.66 -30.10 -6.38
CA PHE P 16 -6.72 -29.14 -6.58
C PHE P 16 -8.02 -29.77 -7.02
N PHE P 17 -7.97 -30.96 -7.63
CA PHE P 17 -9.19 -31.72 -7.83
C PHE P 17 -9.75 -32.24 -6.52
N VAL P 18 -8.87 -32.72 -5.63
CA VAL P 18 -9.30 -33.21 -4.31
C VAL P 18 -9.79 -32.06 -3.45
N ALA P 19 -9.07 -30.93 -3.47
CA ALA P 19 -9.40 -29.82 -2.58
C ALA P 19 -10.72 -29.15 -2.95
N GLY P 20 -11.18 -29.32 -4.19
CA GLY P 20 -12.51 -28.85 -4.54
C GLY P 20 -13.60 -29.60 -3.80
N ALA P 21 -13.41 -30.90 -3.59
CA ALA P 21 -14.33 -31.68 -2.78
C ALA P 21 -14.13 -31.47 -1.29
N ALA P 22 -12.98 -30.93 -0.88
CA ALA P 22 -12.72 -30.72 0.53
C ALA P 22 -13.53 -29.59 1.11
N VAL P 23 -13.70 -28.50 0.36
CA VAL P 23 -14.42 -27.35 0.89
C VAL P 23 -15.92 -27.45 0.60
N TYR P 24 -16.31 -28.19 -0.46
CA TYR P 24 -17.70 -28.41 -0.77
C TYR P 24 -18.41 -29.18 0.36
N TYR P 25 -17.83 -30.30 0.79
CA TYR P 25 -18.37 -31.08 1.89
C TYR P 25 -18.34 -30.33 3.21
N GLY P 26 -17.41 -29.38 3.35
CA GLY P 26 -17.37 -28.59 4.58
C GLY P 26 -18.56 -27.68 4.75
N MET P 27 -19.24 -27.34 3.67
CA MET P 27 -20.50 -26.61 3.75
C MET P 27 -21.70 -27.51 4.06
N SER P 28 -21.56 -28.82 3.90
CA SER P 28 -22.62 -29.74 4.31
C SER P 28 -22.69 -29.88 5.82
N LYS P 29 -21.64 -29.50 6.54
CA LYS P 29 -21.69 -29.35 7.98
C LYS P 29 -21.99 -27.92 8.40
N ALA P 30 -22.09 -27.01 7.44
CA ALA P 30 -22.35 -25.60 7.72
C ALA P 30 -23.65 -25.08 7.15
N ALA P 31 -24.15 -25.63 6.04
CA ALA P 31 -25.41 -25.18 5.45
C ALA P 31 -26.48 -26.26 5.47
N ASP P 32 -26.54 -27.08 6.52
CA ASP P 32 -27.63 -28.04 6.68
C ASP P 32 -28.79 -27.46 7.48
N LEU P 33 -28.54 -27.06 8.73
CA LEU P 33 -29.54 -26.40 9.56
C LEU P 33 -28.95 -25.24 10.36
N SER P 34 -27.67 -24.93 10.19
CA SER P 34 -27.01 -23.85 10.92
C SER P 34 -27.18 -22.50 10.24
N SER P 35 -28.05 -22.39 9.23
CA SER P 35 -28.26 -21.15 8.49
C SER P 35 -29.69 -20.64 8.62
N ASN P 36 -30.32 -20.82 9.78
CA ASN P 36 -31.70 -20.42 9.99
C ASN P 36 -31.86 -19.58 11.26
N THR P 37 -31.08 -18.50 11.38
CA THR P 37 -31.24 -17.57 12.49
C THR P 37 -32.45 -16.68 12.28
#